data_4CXQ
#
_entry.id   4CXQ
#
_cell.length_a   62.553
_cell.length_b   66.149
_cell.length_c   205.294
_cell.angle_alpha   90.00
_cell.angle_beta   90.00
_cell.angle_gamma   90.00
#
_symmetry.space_group_name_H-M   'P 21 21 21'
#
loop_
_entity.id
_entity.type
_entity.pdbx_description
1 polymer 'ADENOSYLMETHIONINE-8-AMINO-7-OXONONANOATE AMINOTRANSFERASE'
2 non-polymer "PYRIDOXAL-5'-PHOSPHATE"
3 non-polymer '7-KETO-8-AMINOPELARGONIC ACID'
4 non-polymer DI(HYDROXYETHYL)ETHER
5 non-polymer 1,2-ETHANEDIOL
6 water water
#
_entity_poly.entity_id   1
_entity_poly.type   'polypeptide(L)'
_entity_poly.pdbx_seq_one_letter_code
;MGSSHHHHHHSSGLVPRGSHMAAATGGLTPEQIIAVDGAHLWHPYSSIGREAVSPVVAVAAHGAWLTLIRDGQPIEVLDA
MSSWWTAIHGHGHPALDQALTTQLRVMNHVMFGGLTHEPAARLAKLLVDITPAGLDTVFFSDSGSVSVEVAAKMALQYWR
GRGLPGKRRLMTWRGGYHGDTFLAMSICDPHGGMHSLWTDVLAAQVFAPQVPRDYDPAYSAAFEAQLAQHAGELAAVVVE
PVVQGAGGMRFHDPRYLHDLRDICRRYEVLLIFDEIATGFGRTGALFAADHAGVSPDIMCVGKALTGGYLSLAATLCTAD
VAHTISAGAAGALMHGPTFMANPLACAVSVASVELLLGQDWRTRITELAAGLTAGLDTARALPAVTDVRVCGAIGVIECD
RPVDLAVATPAALDRGVWLRPFRNLVYAMPPYICTPAEITQITSAMVEVARLVGSLP
;
_entity_poly.pdbx_strand_id   A,B
#
loop_
_chem_comp.id
_chem_comp.type
_chem_comp.name
_chem_comp.formula
EDO non-polymer 1,2-ETHANEDIOL 'C2 H6 O2'
KAP non-polymer '7-KETO-8-AMINOPELARGONIC ACID' 'C9 H17 N O3'
PEG non-polymer DI(HYDROXYETHYL)ETHER 'C4 H10 O3'
PLP non-polymer PYRIDOXAL-5'-PHOSPHATE 'C8 H10 N O6 P'
#
# COMPACT_ATOMS: atom_id res chain seq x y z
N LEU A 28 24.05 10.66 -9.72
CA LEU A 28 23.69 10.58 -11.13
C LEU A 28 23.34 11.96 -11.68
N THR A 29 23.82 12.23 -12.89
CA THR A 29 23.45 13.45 -13.60
C THR A 29 22.04 13.30 -14.12
N PRO A 30 21.37 14.42 -14.46
CA PRO A 30 20.03 14.31 -15.07
C PRO A 30 20.06 13.44 -16.33
N GLU A 31 21.14 13.54 -17.09
CA GLU A 31 21.33 12.72 -18.28
C GLU A 31 21.30 11.25 -17.91
N GLN A 32 22.08 10.89 -16.90
CA GLN A 32 22.17 9.52 -16.41
C GLN A 32 20.82 9.04 -15.87
N ILE A 33 20.11 9.93 -15.20
CA ILE A 33 18.81 9.59 -14.63
C ILE A 33 17.81 9.24 -15.74
N ILE A 34 17.81 10.04 -16.81
CA ILE A 34 16.94 9.81 -17.95
C ILE A 34 17.24 8.48 -18.64
N ALA A 35 18.51 8.14 -18.75
CA ALA A 35 18.93 6.90 -19.41
C ALA A 35 18.48 5.67 -18.61
N VAL A 36 18.74 5.69 -17.31
CA VAL A 36 18.33 4.59 -16.44
C VAL A 36 16.81 4.47 -16.46
N ASP A 37 16.15 5.63 -16.40
CA ASP A 37 14.70 5.67 -16.37
C ASP A 37 14.09 5.05 -17.62
N GLY A 38 14.60 5.42 -18.80
CA GLY A 38 14.07 4.88 -20.04
C GLY A 38 14.29 3.38 -20.14
N ALA A 39 15.40 2.92 -19.57
CA ALA A 39 15.77 1.52 -19.68
C ALA A 39 15.03 0.62 -18.69
N HIS A 40 14.72 1.14 -17.51
CA HIS A 40 14.33 0.26 -16.42
C HIS A 40 13.10 0.65 -15.61
N LEU A 41 12.60 1.87 -15.76
CA LEU A 41 11.50 2.32 -14.91
C LEU A 41 10.17 2.33 -15.62
N TRP A 42 9.18 1.67 -15.03
CA TRP A 42 7.82 1.73 -15.52
C TRP A 42 7.10 2.87 -14.82
N HIS A 43 6.56 3.83 -15.60
CA HIS A 43 5.85 4.94 -14.98
C HIS A 43 4.35 4.65 -14.86
N PRO A 44 3.63 5.36 -13.97
CA PRO A 44 2.21 5.03 -13.79
C PRO A 44 1.37 5.28 -15.05
N TYR A 45 0.35 4.44 -15.28
CA TYR A 45 -0.63 4.67 -16.34
C TYR A 45 0.06 4.87 -17.68
N SER A 46 1.04 4.03 -17.95
CA SER A 46 1.85 4.21 -19.15
CA SER A 46 1.85 4.22 -19.14
C SER A 46 2.29 2.88 -19.74
N SER A 47 2.79 2.93 -20.97
N SER A 47 2.78 2.94 -20.98
CA SER A 47 3.46 1.80 -21.57
CA SER A 47 3.43 1.80 -21.61
C SER A 47 4.93 1.88 -21.20
C SER A 47 4.94 1.99 -21.44
N ILE A 48 5.73 0.95 -21.71
CA ILE A 48 7.17 1.10 -21.66
C ILE A 48 7.65 1.11 -23.12
N GLY A 49 8.54 2.04 -23.46
CA GLY A 49 8.90 2.26 -24.85
C GLY A 49 7.74 2.86 -25.63
N ARG A 50 8.00 3.95 -26.35
CA ARG A 50 6.95 4.74 -27.00
C ARG A 50 5.95 5.23 -25.93
N GLU A 51 6.50 5.61 -24.79
CA GLU A 51 5.71 6.04 -23.65
C GLU A 51 5.46 7.54 -23.69
N VAL A 53 5.12 10.58 -23.52
CA VAL A 53 5.49 11.09 -22.20
C VAL A 53 6.95 11.53 -22.16
N SER A 54 7.84 10.60 -21.83
CA SER A 54 9.24 10.91 -21.48
C SER A 54 9.30 11.86 -20.27
N PRO A 55 9.64 11.34 -19.10
CA PRO A 55 9.49 12.13 -17.88
C PRO A 55 10.51 13.26 -17.77
N VAL A 56 10.18 14.25 -16.96
CA VAL A 56 11.07 15.37 -16.66
C VAL A 56 11.79 15.09 -15.35
N VAL A 57 13.11 15.28 -15.32
CA VAL A 57 13.87 15.03 -14.10
C VAL A 57 13.61 16.09 -13.05
N ALA A 58 13.19 15.67 -11.85
CA ALA A 58 13.08 16.57 -10.71
C ALA A 58 14.30 16.39 -9.81
N VAL A 59 14.90 17.50 -9.39
CA VAL A 59 16.10 17.39 -8.56
C VAL A 59 15.94 18.04 -7.18
N ALA A 60 14.85 18.78 -6.96
CA ALA A 60 14.60 19.38 -5.66
C ALA A 60 13.16 19.81 -5.53
N ALA A 61 12.71 19.95 -4.28
CA ALA A 61 11.38 20.47 -4.01
C ALA A 61 11.40 21.24 -2.69
N HIS A 62 10.94 22.48 -2.73
CA HIS A 62 10.94 23.30 -1.53
C HIS A 62 9.73 24.21 -1.52
N GLY A 63 8.93 24.13 -0.46
CA GLY A 63 7.71 24.90 -0.38
C GLY A 63 6.78 24.53 -1.51
N ALA A 64 6.21 25.53 -2.19
CA ALA A 64 5.33 25.28 -3.32
C ALA A 64 6.07 25.00 -4.63
N TRP A 65 7.38 24.91 -4.57
CA TRP A 65 8.18 24.91 -5.82
C TRP A 65 8.98 23.64 -6.06
N LEU A 66 9.00 23.21 -7.32
CA LEU A 66 9.83 22.09 -7.76
C LEU A 66 11.00 22.63 -8.57
N THR A 67 12.17 22.01 -8.42
CA THR A 67 13.27 22.29 -9.33
C THR A 67 13.37 21.16 -10.34
N LEU A 68 13.09 21.49 -11.59
CA LEU A 68 13.08 20.51 -12.69
C LEU A 68 14.21 20.81 -13.66
N ILE A 69 14.64 19.81 -14.41
CA ILE A 69 15.66 20.00 -15.43
C ILE A 69 15.00 20.13 -16.78
N ARG A 70 15.21 21.27 -17.42
CA ARG A 70 14.63 21.50 -18.72
C ARG A 70 15.74 21.94 -19.66
N ASP A 71 15.97 21.16 -20.72
CA ASP A 71 17.08 21.39 -21.63
C ASP A 71 18.40 21.56 -20.87
N GLY A 72 18.66 20.65 -19.95
CA GLY A 72 19.92 20.64 -19.21
C GLY A 72 20.05 21.72 -18.15
N GLN A 73 19.03 22.55 -18.03
CA GLN A 73 19.05 23.66 -17.08
C GLN A 73 17.99 23.51 -16.00
N PRO A 74 18.36 23.76 -14.73
CA PRO A 74 17.38 23.72 -13.65
C PRO A 74 16.43 24.90 -13.73
N ILE A 75 15.13 24.61 -13.65
CA ILE A 75 14.11 25.65 -13.59
C ILE A 75 13.22 25.43 -12.38
N GLU A 76 12.72 26.53 -11.80
CA GLU A 76 11.81 26.50 -10.66
C GLU A 76 10.39 26.66 -11.16
N VAL A 77 9.52 25.72 -10.81
CA VAL A 77 8.12 25.80 -11.22
C VAL A 77 7.21 25.48 -10.05
N LEU A 78 6.01 26.06 -10.06
CA LEU A 78 5.06 25.82 -8.98
C LEU A 78 4.44 24.43 -9.14
N ASP A 79 4.37 23.70 -8.03
CA ASP A 79 3.75 22.38 -8.00
C ASP A 79 2.25 22.55 -7.88
N ALA A 80 1.61 22.92 -9.00
CA ALA A 80 0.18 23.21 -9.02
C ALA A 80 -0.67 21.99 -8.69
N MET A 81 -0.08 20.80 -8.82
CA MET A 81 -0.82 19.56 -8.57
C MET A 81 -0.68 19.06 -7.15
N SER A 82 0.10 19.79 -6.33
CA SER A 82 0.50 19.34 -5.00
C SER A 82 1.03 17.89 -5.03
N SER A 83 1.74 17.53 -6.10
CA SER A 83 2.29 16.17 -6.21
C SER A 83 1.18 15.12 -6.05
N TRP A 84 0.25 15.16 -6.99
CA TRP A 84 -0.96 14.33 -6.98
C TRP A 84 -1.75 14.50 -5.68
N TRP A 85 -1.90 15.76 -5.27
CA TRP A 85 -2.92 16.17 -4.30
C TRP A 85 -2.50 15.82 -2.87
N THR A 86 -1.20 15.85 -2.59
CA THR A 86 -0.71 15.40 -1.29
C THR A 86 -0.01 16.51 -0.49
N ALA A 87 0.70 17.38 -1.20
CA ALA A 87 1.61 18.34 -0.56
C ALA A 87 0.89 19.57 -0.08
N ILE A 88 -0.06 19.40 0.84
CA ILE A 88 -0.90 20.53 1.22
C ILE A 88 -0.14 21.66 1.94
N HIS A 89 0.94 21.33 2.63
CA HIS A 89 1.77 22.34 3.28
C HIS A 89 3.04 22.65 2.50
N GLY A 90 3.08 22.21 1.25
CA GLY A 90 4.26 22.33 0.45
C GLY A 90 5.31 21.31 0.85
N HIS A 91 6.41 21.29 0.09
CA HIS A 91 7.54 20.40 0.33
C HIS A 91 8.52 20.98 1.34
N GLY A 92 9.12 20.13 2.16
CA GLY A 92 10.19 20.54 3.07
C GLY A 92 9.73 21.62 4.04
N HIS A 93 8.50 21.47 4.53
CA HIS A 93 8.02 22.36 5.57
C HIS A 93 8.82 22.05 6.84
N PRO A 94 9.33 23.10 7.51
CA PRO A 94 10.19 22.85 8.68
C PRO A 94 9.51 22.02 9.79
N ALA A 95 8.21 22.18 10.01
CA ALA A 95 7.55 21.43 11.08
C ALA A 95 7.48 19.95 10.71
N LEU A 96 7.24 19.65 9.45
CA LEU A 96 7.10 18.25 9.04
C LEU A 96 8.46 17.57 8.94
N ASP A 97 9.45 18.27 8.39
CA ASP A 97 10.83 17.76 8.37
C ASP A 97 11.29 17.40 9.77
N GLN A 98 11.05 18.32 10.69
CA GLN A 98 11.51 18.14 12.07
C GLN A 98 10.81 16.97 12.75
N ALA A 99 9.51 16.82 12.50
CA ALA A 99 8.74 15.72 13.07
C ALA A 99 9.28 14.39 12.58
N LEU A 100 9.68 14.34 11.32
CA LEU A 100 10.24 13.13 10.75
C LEU A 100 11.61 12.82 11.36
N THR A 101 12.50 13.81 11.41
CA THR A 101 13.85 13.59 11.91
C THR A 101 13.84 13.27 13.42
N THR A 102 12.90 13.86 14.15
CA THR A 102 12.75 13.59 15.57
C THR A 102 12.38 12.12 15.79
N GLN A 103 11.39 11.63 15.05
CA GLN A 103 11.00 10.23 15.19
C GLN A 103 12.10 9.28 14.74
N LEU A 104 12.82 9.69 13.69
CA LEU A 104 13.89 8.88 13.13
C LEU A 104 14.97 8.61 14.17
N ARG A 105 15.23 9.62 15.00
CA ARG A 105 16.20 9.54 16.07
C ARG A 105 15.84 8.52 17.14
N VAL A 106 14.55 8.30 17.40
CA VAL A 106 14.17 7.39 18.48
C VAL A 106 13.68 6.02 18.05
N MET A 107 12.90 5.94 16.96
CA MET A 107 12.34 4.65 16.54
C MET A 107 11.82 4.74 15.11
N ASN A 108 12.51 4.12 14.16
CA ASN A 108 12.09 4.18 12.77
C ASN A 108 10.79 3.43 12.53
N HIS A 109 10.69 2.22 13.05
CA HIS A 109 9.56 1.36 12.80
C HIS A 109 9.59 0.14 13.71
N VAL A 110 8.42 -0.27 14.20
CA VAL A 110 8.30 -1.57 14.83
C VAL A 110 7.04 -2.21 14.28
N MET A 111 6.96 -3.53 14.34
CA MET A 111 5.75 -4.24 13.87
C MET A 111 4.54 -3.92 14.76
N PHE A 112 3.37 -3.72 14.13
CA PHE A 112 2.16 -3.39 14.87
C PHE A 112 1.45 -4.63 15.41
N GLY A 113 1.99 -5.79 15.07
CA GLY A 113 1.48 -7.03 15.63
C GLY A 113 2.07 -7.27 17.02
N GLY A 114 1.30 -6.94 18.03
CA GLY A 114 1.71 -7.19 19.41
C GLY A 114 2.27 -5.96 20.11
N LEU A 115 2.56 -4.91 19.34
CA LEU A 115 3.18 -3.68 19.85
C LEU A 115 2.35 -2.47 19.47
N THR A 116 2.41 -1.41 20.28
CA THR A 116 1.85 -0.13 19.84
C THR A 116 2.87 0.98 20.17
N HIS A 117 2.54 2.22 19.83
CA HIS A 117 3.52 3.30 19.98
C HIS A 117 2.87 4.67 19.93
N GLU A 118 3.63 5.68 20.34
CA GLU A 118 3.10 7.02 20.48
C GLU A 118 2.60 7.65 19.16
N PRO A 119 3.38 7.56 18.07
CA PRO A 119 2.86 8.18 16.84
C PRO A 119 1.54 7.56 16.40
N ALA A 120 1.39 6.23 16.51
CA ALA A 120 0.12 5.62 16.16
C ALA A 120 -1.02 6.13 17.03
N ALA A 121 -0.77 6.21 18.35
CA ALA A 121 -1.79 6.65 19.29
C ALA A 121 -2.16 8.12 19.06
N ARG A 122 -1.15 8.96 18.86
CA ARG A 122 -1.39 10.38 18.64
C ARG A 122 -2.19 10.60 17.36
N LEU A 123 -1.83 9.88 16.30
CA LEU A 123 -2.51 10.07 15.03
C LEU A 123 -3.95 9.57 15.10
N ALA A 124 -4.15 8.41 15.73
CA ALA A 124 -5.50 7.86 15.83
C ALA A 124 -6.38 8.80 16.64
N LYS A 125 -5.86 9.33 17.74
CA LYS A 125 -6.65 10.26 18.55
C LYS A 125 -7.04 11.50 17.73
N LEU A 126 -6.09 12.06 16.98
CA LEU A 126 -6.40 13.20 16.11
C LEU A 126 -7.45 12.85 15.07
N LEU A 127 -7.29 11.70 14.42
CA LEU A 127 -8.19 11.33 13.34
C LEU A 127 -9.63 11.13 13.85
N VAL A 128 -9.79 10.43 14.97
N VAL A 128 -9.80 10.47 14.99
CA VAL A 128 -11.13 10.22 15.50
CA VAL A 128 -11.15 10.20 15.50
C VAL A 128 -11.76 11.58 15.79
C VAL A 128 -11.81 11.48 16.04
N ASP A 129 -11.00 12.45 16.43
CA ASP A 129 -11.53 13.75 16.86
C ASP A 129 -11.97 14.67 15.73
N ILE A 130 -11.29 14.62 14.57
CA ILE A 130 -11.58 15.57 13.49
C ILE A 130 -12.48 15.01 12.39
N THR A 131 -12.66 13.69 12.35
CA THR A 131 -13.52 13.10 11.32
C THR A 131 -15.00 13.20 11.72
N PRO A 132 -15.92 12.96 10.76
CA PRO A 132 -17.35 12.98 11.14
C PRO A 132 -17.68 12.13 12.37
N ALA A 133 -18.67 12.57 13.16
CA ALA A 133 -18.95 11.97 14.44
C ALA A 133 -19.22 10.46 14.34
N GLY A 134 -18.73 9.71 15.31
CA GLY A 134 -19.09 8.31 15.38
C GLY A 134 -17.99 7.41 14.85
N LEU A 135 -17.02 8.00 14.14
CA LEU A 135 -15.88 7.22 13.64
C LEU A 135 -14.81 7.11 14.72
N ASP A 136 -14.87 6.06 15.53
CA ASP A 136 -14.05 5.97 16.73
CA ASP A 136 -14.04 5.99 16.73
C ASP A 136 -12.95 4.91 16.67
N THR A 137 -12.86 4.20 15.54
N THR A 137 -12.82 4.26 15.52
CA THR A 137 -11.86 3.14 15.40
CA THR A 137 -11.87 3.17 15.39
C THR A 137 -11.02 3.39 14.14
C THR A 137 -11.02 3.36 14.13
N VAL A 138 -9.72 3.12 14.22
CA VAL A 138 -8.80 3.40 13.13
C VAL A 138 -7.92 2.20 12.76
N PHE A 139 -7.99 1.80 11.50
CA PHE A 139 -7.15 0.75 10.95
C PHE A 139 -6.18 1.36 9.95
N PHE A 140 -4.90 1.41 10.31
CA PHE A 140 -3.92 2.00 9.40
C PHE A 140 -3.49 1.06 8.30
N SER A 141 -3.21 1.62 7.13
CA SER A 141 -2.57 0.85 6.07
C SER A 141 -1.59 1.70 5.28
N ASP A 142 -1.01 1.14 4.22
CA ASP A 142 0.08 1.89 3.60
CA ASP A 142 0.11 1.73 3.51
C ASP A 142 -0.28 2.57 2.29
N SER A 143 -1.52 2.43 1.83
CA SER A 143 -1.92 3.17 0.65
C SER A 143 -3.43 3.28 0.54
N GLY A 144 -3.87 4.25 -0.25
CA GLY A 144 -5.28 4.53 -0.41
C GLY A 144 -6.02 3.32 -0.95
N SER A 145 -5.44 2.68 -1.97
CA SER A 145 -6.11 1.54 -2.57
C SER A 145 -6.28 0.44 -1.54
N VAL A 146 -5.28 0.22 -0.70
CA VAL A 146 -5.40 -0.81 0.33
C VAL A 146 -6.46 -0.41 1.35
N SER A 147 -6.53 0.87 1.71
CA SER A 147 -7.53 1.27 2.70
C SER A 147 -8.95 1.05 2.16
N VAL A 148 -9.12 1.13 0.86
CA VAL A 148 -10.42 0.85 0.24
C VAL A 148 -10.73 -0.66 0.31
N GLU A 149 -9.74 -1.49 0.04
CA GLU A 149 -9.87 -2.94 0.20
C GLU A 149 -10.23 -3.27 1.65
N VAL A 150 -9.58 -2.61 2.59
CA VAL A 150 -9.90 -2.80 4.01
C VAL A 150 -11.34 -2.34 4.34
N ALA A 151 -11.75 -1.19 3.83
CA ALA A 151 -13.13 -0.75 3.97
C ALA A 151 -14.15 -1.81 3.48
N ALA A 152 -13.92 -2.35 2.29
CA ALA A 152 -14.82 -3.39 1.75
C ALA A 152 -14.80 -4.63 2.62
N LYS A 153 -13.61 -5.02 3.08
CA LYS A 153 -13.49 -6.19 3.95
C LYS A 153 -14.28 -5.96 5.24
N MET A 154 -14.15 -4.77 5.82
CA MET A 154 -14.96 -4.44 7.00
C MET A 154 -16.45 -4.59 6.72
N ALA A 155 -16.90 -4.04 5.59
CA ALA A 155 -18.32 -4.08 5.28
C ALA A 155 -18.78 -5.51 5.06
N LEU A 156 -18.02 -6.29 4.29
CA LEU A 156 -18.45 -7.65 4.05
C LEU A 156 -18.38 -8.48 5.34
N GLN A 157 -17.36 -8.24 6.17
CA GLN A 157 -17.23 -9.05 7.37
C GLN A 157 -18.30 -8.67 8.39
N TYR A 158 -18.68 -7.40 8.39
CA TYR A 158 -19.78 -6.92 9.23
C TYR A 158 -21.03 -7.77 8.99
N TRP A 159 -21.41 -7.95 7.73
CA TRP A 159 -22.66 -8.67 7.47
C TRP A 159 -22.51 -10.16 7.72
N ARG A 160 -21.29 -10.67 7.56
CA ARG A 160 -21.03 -12.08 7.87
C ARG A 160 -21.18 -12.29 9.37
N GLY A 161 -20.79 -11.28 10.13
CA GLY A 161 -20.94 -11.29 11.58
C GLY A 161 -22.39 -11.20 12.01
N ARG A 162 -23.26 -10.73 11.14
CA ARG A 162 -24.71 -10.70 11.43
C ARG A 162 -25.42 -11.91 10.83
N GLY A 163 -24.66 -12.86 10.28
CA GLY A 163 -25.24 -14.03 9.64
C GLY A 163 -26.00 -13.75 8.36
N LEU A 164 -25.57 -12.70 7.65
CA LEU A 164 -26.15 -12.34 6.35
C LEU A 164 -25.08 -12.23 5.26
N PRO A 165 -24.42 -13.36 4.94
CA PRO A 165 -23.29 -13.35 3.98
C PRO A 165 -23.72 -13.09 2.54
N GLY A 166 -25.03 -13.06 2.28
CA GLY A 166 -25.51 -12.70 0.96
C GLY A 166 -25.31 -11.22 0.68
N LYS A 167 -25.09 -10.44 1.74
CA LYS A 167 -24.85 -9.01 1.59
C LYS A 167 -23.37 -8.79 1.27
N ARG A 168 -23.04 -8.93 -0.02
CA ARG A 168 -21.64 -9.04 -0.42
C ARG A 168 -21.27 -8.14 -1.61
N ARG A 169 -22.28 -7.55 -2.25
CA ARG A 169 -22.02 -6.65 -3.36
C ARG A 169 -21.89 -5.21 -2.86
N LEU A 170 -21.28 -4.37 -3.70
CA LEU A 170 -21.19 -2.93 -3.44
C LEU A 170 -22.03 -2.15 -4.43
N MET A 171 -22.53 -1.00 -4.00
CA MET A 171 -23.24 -0.12 -4.90
C MET A 171 -22.55 1.23 -4.92
N THR A 172 -22.51 1.85 -6.09
CA THR A 172 -21.99 3.19 -6.18
C THR A 172 -22.69 3.93 -7.31
N TRP A 173 -22.35 5.21 -7.50
CA TRP A 173 -22.86 5.92 -8.65
C TRP A 173 -21.74 6.02 -9.68
N ARG A 174 -22.08 6.28 -10.92
CA ARG A 174 -21.06 6.34 -11.96
CA ARG A 174 -21.08 6.36 -11.98
C ARG A 174 -20.19 7.58 -11.78
N GLY A 175 -19.06 7.61 -12.48
CA GLY A 175 -18.12 8.73 -12.43
C GLY A 175 -17.06 8.60 -11.34
N GLY A 176 -17.05 7.46 -10.65
CA GLY A 176 -16.21 7.30 -9.47
C GLY A 176 -14.87 6.65 -9.70
N TYR A 177 -13.98 6.81 -8.73
CA TYR A 177 -12.66 6.17 -8.73
C TYR A 177 -12.28 5.87 -7.30
N HIS A 178 -11.72 4.69 -7.07
CA HIS A 178 -11.41 4.27 -5.72
C HIS A 178 -10.06 3.54 -5.60
N GLY A 179 -9.18 3.74 -6.58
CA GLY A 179 -7.88 3.08 -6.56
C GLY A 179 -7.71 1.99 -7.60
N ASP A 180 -6.58 1.29 -7.54
CA ASP A 180 -6.16 0.45 -8.66
C ASP A 180 -6.01 -1.03 -8.33
N THR A 181 -6.20 -1.43 -7.07
CA THR A 181 -6.20 -2.86 -6.77
C THR A 181 -7.54 -3.46 -7.25
N PHE A 182 -7.63 -4.78 -7.35
CA PHE A 182 -8.74 -5.35 -8.10
C PHE A 182 -10.15 -5.16 -7.50
N LEU A 183 -10.28 -5.16 -6.18
CA LEU A 183 -11.59 -4.88 -5.62
C LEU A 183 -11.91 -3.38 -5.81
N ALA A 184 -10.91 -2.53 -5.56
CA ALA A 184 -11.10 -1.09 -5.75
C ALA A 184 -11.52 -0.79 -7.19
N MET A 185 -10.95 -1.52 -8.14
CA MET A 185 -11.28 -1.30 -9.54
C MET A 185 -12.75 -1.57 -9.84
N SER A 186 -13.36 -2.50 -9.11
CA SER A 186 -14.73 -2.91 -9.40
C SER A 186 -15.75 -1.80 -9.18
N ILE A 187 -15.38 -0.75 -8.46
CA ILE A 187 -16.31 0.37 -8.30
C ILE A 187 -15.87 1.65 -9.04
N CYS A 188 -14.83 1.52 -9.84
CA CYS A 188 -14.48 2.53 -10.82
C CYS A 188 -15.56 2.58 -11.89
N ASP A 189 -15.82 3.76 -12.46
CA ASP A 189 -16.78 3.89 -13.54
C ASP A 189 -16.51 2.88 -14.66
N PRO A 190 -17.48 2.00 -14.93
CA PRO A 190 -17.21 0.87 -15.83
C PRO A 190 -17.11 1.23 -17.32
N HIS A 191 -17.47 2.45 -17.71
CA HIS A 191 -17.39 2.78 -19.13
C HIS A 191 -16.29 3.79 -19.47
N GLY A 192 -16.21 4.87 -18.73
CA GLY A 192 -15.21 5.89 -18.99
C GLY A 192 -14.10 5.90 -17.95
N GLY A 193 -14.22 5.05 -16.94
CA GLY A 193 -13.21 4.99 -15.89
C GLY A 193 -11.92 4.41 -16.40
N MET A 194 -10.82 4.67 -15.70
CA MET A 194 -9.54 4.20 -16.18
C MET A 194 -9.42 2.67 -16.18
N HIS A 195 -10.31 2.00 -15.47
CA HIS A 195 -10.23 0.55 -15.39
C HIS A 195 -11.26 -0.19 -16.28
N SER A 196 -11.84 0.52 -17.25
CA SER A 196 -12.94 0.01 -18.07
CA SER A 196 -12.96 -0.02 -18.02
C SER A 196 -12.60 -1.26 -18.83
N LEU A 197 -11.35 -1.39 -19.26
CA LEU A 197 -10.96 -2.57 -20.02
C LEU A 197 -10.98 -3.85 -19.19
N TRP A 198 -11.06 -3.71 -17.88
CA TRP A 198 -11.00 -4.88 -17.01
C TRP A 198 -12.37 -5.40 -16.58
N THR A 199 -13.45 -4.74 -17.02
CA THR A 199 -14.77 -4.99 -16.42
C THR A 199 -15.17 -6.47 -16.50
N ASP A 200 -14.71 -7.16 -17.53
CA ASP A 200 -15.07 -8.56 -17.71
C ASP A 200 -14.46 -9.49 -16.65
N VAL A 201 -13.43 -9.05 -15.92
CA VAL A 201 -12.87 -9.90 -14.86
C VAL A 201 -13.13 -9.40 -13.44
N LEU A 202 -13.72 -8.21 -13.32
CA LEU A 202 -13.96 -7.60 -12.02
C LEU A 202 -15.27 -8.10 -11.41
N ALA A 203 -15.31 -8.13 -10.08
CA ALA A 203 -16.57 -8.33 -9.36
C ALA A 203 -17.61 -7.39 -9.95
N ALA A 204 -18.82 -7.90 -10.19
CA ALA A 204 -19.85 -7.09 -10.83
C ALA A 204 -20.66 -6.35 -9.77
N GLN A 205 -20.49 -5.03 -9.70
CA GLN A 205 -21.13 -4.24 -8.67
C GLN A 205 -22.34 -3.51 -9.21
N VAL A 206 -23.08 -2.86 -8.33
CA VAL A 206 -24.30 -2.15 -8.72
C VAL A 206 -24.01 -0.67 -8.94
N PHE A 207 -24.34 -0.14 -10.11
CA PHE A 207 -24.08 1.27 -10.43
C PHE A 207 -25.36 2.05 -10.68
N ALA A 208 -25.53 3.13 -9.94
CA ALA A 208 -26.52 4.15 -10.24
C ALA A 208 -25.96 5.08 -11.30
N PRO A 209 -26.83 5.80 -12.04
CA PRO A 209 -26.34 6.78 -13.01
C PRO A 209 -25.45 7.85 -12.38
N GLN A 210 -24.72 8.57 -13.22
CA GLN A 210 -23.91 9.70 -12.79
C GLN A 210 -24.71 10.65 -11.91
N VAL A 211 -24.17 10.96 -10.74
CA VAL A 211 -24.82 11.93 -9.87
C VAL A 211 -24.66 13.34 -10.49
N PRO A 212 -25.76 14.07 -10.63
CA PRO A 212 -25.72 15.41 -11.24
C PRO A 212 -25.04 16.46 -10.37
N ARG A 213 -24.62 17.58 -10.97
CA ARG A 213 -24.10 18.70 -10.19
C ARG A 213 -25.17 19.28 -9.28
N ASP A 214 -26.32 19.61 -9.86
CA ASP A 214 -27.36 20.32 -9.11
C ASP A 214 -28.29 19.31 -8.47
N TYR A 215 -28.87 19.68 -7.34
CA TYR A 215 -29.72 18.76 -6.60
C TYR A 215 -31.05 18.51 -7.31
N ASP A 216 -31.35 17.23 -7.50
CA ASP A 216 -32.59 16.82 -8.11
C ASP A 216 -33.16 15.64 -7.34
N PRO A 217 -34.28 15.87 -6.62
CA PRO A 217 -34.94 14.85 -5.81
C PRO A 217 -35.22 13.55 -6.58
N ALA A 218 -35.47 13.65 -7.88
CA ALA A 218 -35.78 12.47 -8.68
C ALA A 218 -34.59 11.52 -8.76
N TYR A 219 -33.39 12.09 -8.71
CA TYR A 219 -32.19 11.26 -8.79
C TYR A 219 -32.09 10.41 -7.52
N SER A 220 -32.27 11.05 -6.36
CA SER A 220 -32.22 10.33 -5.09
C SER A 220 -33.33 9.29 -4.97
N ALA A 221 -34.52 9.59 -5.52
CA ALA A 221 -35.61 8.64 -5.48
C ALA A 221 -35.28 7.43 -6.33
N ALA A 222 -34.63 7.66 -7.46
CA ALA A 222 -34.24 6.57 -8.34
C ALA A 222 -33.14 5.73 -7.69
N PHE A 223 -32.21 6.41 -7.02
CA PHE A 223 -31.13 5.72 -6.30
C PHE A 223 -31.74 4.78 -5.26
N GLU A 224 -32.65 5.32 -4.47
CA GLU A 224 -33.34 4.50 -3.47
C GLU A 224 -34.06 3.29 -4.10
N ALA A 225 -34.79 3.53 -5.19
CA ALA A 225 -35.52 2.45 -5.84
C ALA A 225 -34.57 1.32 -6.26
N GLN A 226 -33.45 1.70 -6.84
CA GLN A 226 -32.45 0.75 -7.29
C GLN A 226 -31.83 0.00 -6.12
N LEU A 227 -31.42 0.75 -5.09
CA LEU A 227 -30.85 0.13 -3.91
C LEU A 227 -31.82 -0.83 -3.26
N ALA A 228 -33.09 -0.42 -3.17
CA ALA A 228 -34.09 -1.26 -2.53
C ALA A 228 -34.21 -2.63 -3.19
N GLN A 229 -34.09 -2.67 -4.51
CA GLN A 229 -34.25 -3.96 -5.18
C GLN A 229 -33.01 -4.85 -5.00
N HIS A 230 -31.88 -4.26 -4.60
CA HIS A 230 -30.65 -5.03 -4.37
C HIS A 230 -30.26 -5.09 -2.90
N ALA A 231 -31.08 -4.53 -2.01
CA ALA A 231 -30.68 -4.36 -0.62
C ALA A 231 -30.23 -5.65 0.07
N GLY A 232 -30.89 -6.76 -0.25
CA GLY A 232 -30.53 -8.03 0.35
C GLY A 232 -29.19 -8.61 -0.09
N GLU A 233 -28.62 -8.08 -1.16
CA GLU A 233 -27.30 -8.53 -1.59
C GLU A 233 -26.24 -7.42 -1.49
N LEU A 234 -26.58 -6.30 -0.86
CA LEU A 234 -25.64 -5.18 -0.76
C LEU A 234 -25.02 -5.05 0.62
N ALA A 235 -23.69 -5.10 0.68
CA ALA A 235 -22.98 -4.83 1.92
C ALA A 235 -22.89 -3.34 2.18
N ALA A 236 -22.70 -2.55 1.12
CA ALA A 236 -22.39 -1.14 1.30
C ALA A 236 -22.58 -0.34 0.03
N VAL A 237 -22.84 0.95 0.24
CA VAL A 237 -22.75 1.96 -0.78
C VAL A 237 -21.37 2.61 -0.59
N VAL A 238 -20.64 2.80 -1.70
CA VAL A 238 -19.32 3.43 -1.60
C VAL A 238 -19.26 4.58 -2.58
N VAL A 239 -19.01 5.79 -2.09
CA VAL A 239 -18.93 6.98 -2.93
C VAL A 239 -17.84 7.94 -2.47
N GLU A 240 -17.35 8.77 -3.40
CA GLU A 240 -16.56 9.96 -3.06
C GLU A 240 -17.53 11.09 -2.75
N PRO A 241 -17.45 11.66 -1.55
CA PRO A 241 -18.39 12.74 -1.20
C PRO A 241 -18.02 14.09 -1.81
N VAL A 242 -19.01 14.72 -2.45
CA VAL A 242 -18.99 16.06 -3.03
C VAL A 242 -18.14 16.20 -4.30
N VAL A 243 -16.91 15.69 -4.26
CA VAL A 243 -16.01 15.77 -5.40
C VAL A 243 -15.59 14.38 -5.85
N GLN A 244 -15.88 14.06 -7.10
CA GLN A 244 -15.31 12.86 -7.71
C GLN A 244 -14.04 13.27 -8.43
N GLY A 245 -12.89 12.74 -7.99
CA GLY A 245 -11.62 13.24 -8.51
C GLY A 245 -11.15 12.62 -9.82
N ALA A 246 -10.54 11.44 -9.74
CA ALA A 246 -9.88 10.85 -10.90
C ALA A 246 -10.86 10.48 -12.01
N GLY A 247 -12.14 10.42 -11.67
CA GLY A 247 -13.18 10.11 -12.64
C GLY A 247 -13.70 11.31 -13.41
N GLY A 248 -13.19 12.51 -13.13
CA GLY A 248 -13.57 13.66 -13.93
C GLY A 248 -13.70 15.00 -13.21
N MET A 249 -13.18 15.08 -11.99
CA MET A 249 -13.24 16.32 -11.19
CA MET A 249 -13.23 16.34 -11.21
C MET A 249 -14.63 16.95 -11.24
N ARG A 250 -15.63 16.12 -10.99
CA ARG A 250 -17.02 16.51 -11.01
C ARG A 250 -17.47 16.85 -9.61
N PHE A 251 -18.27 17.90 -9.45
CA PHE A 251 -18.79 18.26 -8.14
C PHE A 251 -20.29 17.98 -8.07
N HIS A 252 -20.78 17.57 -6.90
CA HIS A 252 -22.22 17.40 -6.74
C HIS A 252 -22.70 18.02 -5.43
N ASP A 253 -23.99 18.35 -5.43
CA ASP A 253 -24.60 19.01 -4.29
C ASP A 253 -24.53 18.10 -3.05
N PRO A 254 -24.01 18.64 -1.94
CA PRO A 254 -23.84 17.84 -0.72
C PRO A 254 -25.13 17.21 -0.20
N ARG A 255 -26.27 17.76 -0.60
CA ARG A 255 -27.56 17.22 -0.17
C ARG A 255 -27.75 15.78 -0.63
N TYR A 256 -27.11 15.40 -1.72
CA TYR A 256 -27.20 13.99 -2.13
C TYR A 256 -26.64 13.06 -1.05
N LEU A 257 -25.62 13.51 -0.31
CA LEU A 257 -24.99 12.67 0.72
C LEU A 257 -25.93 12.48 1.89
N HIS A 258 -26.73 13.51 2.14
CA HIS A 258 -27.75 13.44 3.18
C HIS A 258 -28.78 12.39 2.80
N ASP A 259 -29.21 12.41 1.54
CA ASP A 259 -30.11 11.38 1.02
C ASP A 259 -29.50 9.97 1.07
N LEU A 260 -28.24 9.83 0.68
CA LEU A 260 -27.59 8.51 0.78
C LEU A 260 -27.59 7.98 2.21
N ARG A 261 -27.30 8.86 3.15
CA ARG A 261 -27.21 8.48 4.56
C ARG A 261 -28.54 7.95 5.03
N ASP A 262 -29.60 8.65 4.64
CA ASP A 262 -30.96 8.25 4.99
C ASP A 262 -31.40 6.95 4.31
N ILE A 263 -31.13 6.81 3.01
CA ILE A 263 -31.44 5.58 2.28
C ILE A 263 -30.74 4.37 2.87
N CYS A 264 -29.44 4.53 3.13
CA CYS A 264 -28.65 3.44 3.69
C CYS A 264 -29.17 3.05 5.06
N ARG A 265 -29.51 4.03 5.86
CA ARG A 265 -30.06 3.80 7.19
CA ARG A 265 -30.04 3.77 7.20
C ARG A 265 -31.33 2.95 7.11
N ARG A 266 -32.25 3.38 6.25
CA ARG A 266 -33.56 2.74 6.18
C ARG A 266 -33.50 1.32 5.63
N TYR A 267 -32.58 1.06 4.70
CA TYR A 267 -32.50 -0.25 4.09
C TYR A 267 -31.37 -1.13 4.63
N GLU A 268 -30.71 -0.67 5.68
CA GLU A 268 -29.63 -1.42 6.34
C GLU A 268 -28.54 -1.81 5.36
N VAL A 269 -28.01 -0.79 4.70
CA VAL A 269 -26.84 -0.94 3.84
C VAL A 269 -25.80 0.01 4.41
N LEU A 270 -24.56 -0.46 4.61
CA LEU A 270 -23.54 0.41 5.20
C LEU A 270 -23.18 1.54 4.20
N LEU A 271 -22.81 2.70 4.73
CA LEU A 271 -22.38 3.82 3.89
C LEU A 271 -20.87 4.05 4.06
N ILE A 272 -20.15 4.01 2.95
CA ILE A 272 -18.70 4.21 2.98
C ILE A 272 -18.34 5.46 2.20
N PHE A 273 -17.62 6.40 2.82
CA PHE A 273 -17.11 7.56 2.10
C PHE A 273 -15.62 7.38 1.85
N ASP A 274 -15.23 7.50 0.60
CA ASP A 274 -13.83 7.48 0.20
C ASP A 274 -13.38 8.94 0.16
N GLU A 275 -12.68 9.39 1.22
CA GLU A 275 -12.22 10.77 1.28
C GLU A 275 -10.71 10.83 1.05
N ILE A 276 -10.18 9.86 0.30
CA ILE A 276 -8.74 9.85 0.07
C ILE A 276 -8.28 11.10 -0.70
N ALA A 277 -9.13 11.63 -1.59
CA ALA A 277 -8.81 12.88 -2.30
C ALA A 277 -9.39 14.13 -1.64
N THR A 278 -10.54 13.98 -0.97
CA THR A 278 -11.26 15.14 -0.45
C THR A 278 -10.85 15.57 0.97
N GLY A 279 -10.13 14.70 1.67
CA GLY A 279 -9.79 14.95 3.07
C GLY A 279 -8.87 16.14 3.34
N PHE A 280 -8.86 16.54 4.61
CA PHE A 280 -7.90 17.52 5.12
C PHE A 280 -7.99 18.86 4.42
N GLY A 281 -9.23 19.34 4.27
CA GLY A 281 -9.47 20.72 3.90
C GLY A 281 -9.64 21.01 2.41
N ARG A 282 -9.36 20.02 1.58
CA ARG A 282 -9.23 20.27 0.14
C ARG A 282 -10.48 20.86 -0.52
N THR A 283 -11.67 20.46 -0.09
CA THR A 283 -12.91 20.99 -0.68
C THR A 283 -13.49 22.18 0.09
N GLY A 284 -12.76 22.70 1.08
CA GLY A 284 -13.24 23.86 1.82
C GLY A 284 -13.83 23.53 3.17
N ALA A 285 -14.13 22.26 3.38
CA ALA A 285 -14.47 21.74 4.71
C ALA A 285 -13.36 20.79 5.13
N LEU A 286 -13.26 20.47 6.42
CA LEU A 286 -12.17 19.61 6.88
C LEU A 286 -12.25 18.26 6.17
N PHE A 287 -13.46 17.71 6.11
CA PHE A 287 -13.75 16.56 5.24
C PHE A 287 -15.00 16.88 4.44
N ALA A 288 -15.09 16.37 3.22
CA ALA A 288 -16.20 16.77 2.35
C ALA A 288 -17.56 16.34 2.90
N ALA A 289 -17.58 15.28 3.69
CA ALA A 289 -18.80 14.86 4.37
C ALA A 289 -19.37 15.99 5.22
N ASP A 290 -18.49 16.84 5.73
CA ASP A 290 -18.93 17.95 6.58
C ASP A 290 -19.80 18.97 5.84
N HIS A 291 -19.69 19.02 4.51
CA HIS A 291 -20.57 19.90 3.73
C HIS A 291 -22.01 19.47 3.86
N ALA A 292 -22.22 18.19 4.19
CA ALA A 292 -23.54 17.62 4.29
C ALA A 292 -23.96 17.35 5.73
N GLY A 293 -22.99 17.45 6.65
CA GLY A 293 -23.21 17.08 8.02
C GLY A 293 -23.48 15.59 8.20
N VAL A 294 -22.93 14.77 7.30
CA VAL A 294 -23.21 13.33 7.29
C VAL A 294 -22.04 12.55 7.88
N SER A 295 -22.34 11.51 8.65
CA SER A 295 -21.34 10.55 9.09
C SER A 295 -21.56 9.22 8.40
N PRO A 296 -20.53 8.75 7.68
CA PRO A 296 -20.61 7.43 7.08
C PRO A 296 -20.35 6.36 8.15
N ASP A 297 -20.60 5.10 7.83
CA ASP A 297 -20.29 4.01 8.76
C ASP A 297 -18.79 3.70 8.71
N ILE A 298 -18.23 3.89 7.53
CA ILE A 298 -16.82 3.61 7.25
C ILE A 298 -16.24 4.74 6.40
N MET A 299 -15.00 5.12 6.65
CA MET A 299 -14.37 6.22 5.92
C MET A 299 -12.90 5.89 5.60
N CYS A 300 -12.48 6.23 4.38
CA CYS A 300 -11.07 6.11 3.97
C CYS A 300 -10.39 7.45 3.84
N VAL A 301 -9.16 7.54 4.32
CA VAL A 301 -8.36 8.76 4.12
C VAL A 301 -6.96 8.35 3.65
N GLY A 302 -6.27 9.26 2.99
CA GLY A 302 -4.93 8.99 2.49
C GLY A 302 -4.39 10.28 1.89
N LYS A 303 -3.58 10.15 0.86
CA LYS A 303 -2.97 11.27 0.12
C LYS A 303 -2.45 12.40 1.03
N ALA A 304 -3.26 13.41 1.31
CA ALA A 304 -2.79 14.57 2.08
C ALA A 304 -2.59 14.28 3.57
N LEU A 305 -2.97 13.08 4.00
CA LEU A 305 -2.77 12.62 5.38
C LEU A 305 -1.34 12.87 5.90
N THR A 306 -0.32 12.55 5.10
CA THR A 306 1.06 12.74 5.52
C THR A 306 1.67 14.05 5.04
N GLY A 307 0.85 14.96 4.52
CA GLY A 307 1.38 16.16 3.92
C GLY A 307 2.24 15.88 2.70
N GLY A 308 2.05 14.72 2.09
CA GLY A 308 2.79 14.37 0.90
C GLY A 308 4.22 13.92 1.10
N TYR A 309 4.58 13.52 2.34
CA TYR A 309 5.92 13.06 2.61
C TYR A 309 6.12 11.58 2.34
N LEU A 310 5.15 10.78 2.79
CA LEU A 310 5.28 9.33 2.84
C LEU A 310 3.93 8.67 2.58
N SER A 311 3.95 7.42 2.15
CA SER A 311 2.70 6.72 1.90
C SER A 311 2.09 6.27 3.22
N LEU A 312 0.81 6.59 3.41
CA LEU A 312 0.04 6.18 4.58
C LEU A 312 -1.44 6.37 4.25
N ALA A 313 -2.28 5.50 4.79
CA ALA A 313 -3.71 5.66 4.63
C ALA A 313 -4.39 5.14 5.87
N ALA A 314 -5.68 5.38 6.01
CA ALA A 314 -6.41 4.84 7.17
C ALA A 314 -7.85 4.57 6.81
N THR A 315 -8.41 3.55 7.45
CA THR A 315 -9.82 3.23 7.34
C THR A 315 -10.41 3.35 8.73
N LEU A 316 -11.41 4.21 8.86
CA LEU A 316 -12.07 4.44 10.13
C LEU A 316 -13.44 3.80 10.09
N CYS A 317 -13.91 3.31 11.23
CA CYS A 317 -15.28 2.82 11.28
C CYS A 317 -15.93 3.12 12.63
N THR A 318 -17.24 2.92 12.71
CA THR A 318 -17.98 3.17 13.94
C THR A 318 -17.75 2.03 14.93
N ALA A 319 -18.08 2.27 16.20
CA ALA A 319 -17.95 1.20 17.19
C ALA A 319 -18.85 0.02 16.84
N ASP A 320 -20.05 0.30 16.34
CA ASP A 320 -20.97 -0.79 15.98
C ASP A 320 -20.39 -1.67 14.88
N VAL A 321 -19.80 -1.04 13.87
CA VAL A 321 -19.17 -1.80 12.80
C VAL A 321 -18.02 -2.65 13.38
N ALA A 322 -17.16 -2.03 14.19
CA ALA A 322 -15.99 -2.71 14.73
C ALA A 322 -16.39 -3.90 15.60
N HIS A 323 -17.41 -3.72 16.42
CA HIS A 323 -17.80 -4.79 17.33
C HIS A 323 -18.54 -5.91 16.62
N THR A 324 -19.33 -5.57 15.60
CA THR A 324 -20.11 -6.57 14.88
C THR A 324 -19.20 -7.45 14.02
N ILE A 325 -18.11 -6.88 13.53
N ILE A 325 -18.15 -6.84 13.48
CA ILE A 325 -17.05 -7.69 12.97
CA ILE A 325 -17.22 -7.51 12.56
C ILE A 325 -16.44 -8.53 14.09
C ILE A 325 -16.67 -8.82 13.12
N SER A 326 -16.15 -7.88 15.21
N SER A 326 -16.61 -8.91 14.44
CA SER A 326 -15.48 -8.53 16.33
CA SER A 326 -16.14 -10.14 15.08
C SER A 326 -16.44 -9.37 17.19
C SER A 326 -17.26 -10.87 15.80
N ALA A 327 -17.51 -9.87 16.58
N ALA A 327 -18.51 -10.51 15.49
CA ALA A 327 -18.50 -10.70 17.29
CA ALA A 327 -19.64 -11.16 16.13
C ALA A 327 -19.44 -11.46 16.34
C ALA A 327 -19.92 -12.48 15.44
N GLY A 328 -19.34 -12.79 16.35
N GLY A 328 -20.87 -13.23 16.00
CA GLY A 328 -20.17 -13.65 15.52
CA GLY A 328 -21.28 -14.52 15.45
C GLY A 328 -19.47 -14.98 15.30
C GLY A 328 -20.15 -15.52 15.29
N ALA A 329 -19.58 -15.56 14.10
CA ALA A 329 -18.64 -16.62 13.71
C ALA A 329 -17.55 -16.03 12.84
N ALA A 330 -17.56 -14.71 12.70
CA ALA A 330 -16.67 -14.03 11.77
C ALA A 330 -15.23 -13.95 12.27
N GLY A 331 -15.06 -13.80 13.59
CA GLY A 331 -13.74 -13.71 14.20
C GLY A 331 -13.00 -12.41 13.93
N ALA A 332 -11.68 -12.44 14.04
CA ALA A 332 -10.81 -11.26 13.90
C ALA A 332 -10.84 -10.71 12.47
N LEU A 333 -10.50 -9.43 12.33
CA LEU A 333 -10.31 -8.85 11.00
C LEU A 333 -8.94 -9.29 10.48
N MET A 334 -8.91 -10.19 9.50
CA MET A 334 -7.64 -10.78 9.10
C MET A 334 -6.97 -9.93 8.02
N HIS A 335 -6.44 -8.79 8.46
CA HIS A 335 -5.69 -7.88 7.61
C HIS A 335 -4.56 -7.31 8.45
N GLY A 336 -3.39 -7.16 7.84
CA GLY A 336 -2.25 -6.67 8.58
C GLY A 336 -1.08 -6.31 7.69
N PRO A 337 -1.08 -5.10 7.14
CA PRO A 337 0.05 -4.72 6.30
C PRO A 337 1.35 -4.74 7.09
N THR A 338 2.43 -5.22 6.47
CA THR A 338 3.73 -5.28 7.14
C THR A 338 4.10 -3.97 7.82
N PHE A 339 3.93 -2.85 7.13
CA PHE A 339 4.36 -1.57 7.70
C PHE A 339 3.21 -0.81 8.34
N MET A 340 2.18 -1.55 8.73
CA MET A 340 1.03 -0.98 9.40
C MET A 340 1.42 -0.02 10.51
N ALA A 341 0.85 1.19 10.46
CA ALA A 341 1.06 2.22 11.47
C ALA A 341 2.53 2.60 11.63
N ASN A 342 3.29 2.54 10.54
CA ASN A 342 4.68 2.97 10.51
C ASN A 342 4.94 4.27 11.33
N PRO A 343 5.80 4.18 12.35
CA PRO A 343 6.09 5.36 13.19
C PRO A 343 6.55 6.60 12.39
N LEU A 344 7.39 6.43 11.38
CA LEU A 344 7.81 7.60 10.61
C LEU A 344 6.62 8.26 9.91
N ALA A 345 5.84 7.48 9.16
CA ALA A 345 4.68 8.02 8.46
C ALA A 345 3.68 8.64 9.42
N CYS A 346 3.43 7.98 10.56
CA CYS A 346 2.47 8.50 11.52
C CYS A 346 2.94 9.80 12.13
N ALA A 347 4.23 9.87 12.45
CA ALA A 347 4.79 11.08 13.07
C ALA A 347 4.68 12.32 12.15
N VAL A 348 4.96 12.16 10.85
CA VAL A 348 4.85 13.33 9.97
CA VAL A 348 4.83 13.30 9.93
C VAL A 348 3.36 13.67 9.76
N SER A 349 2.51 12.65 9.76
CA SER A 349 1.07 12.88 9.62
CA SER A 349 1.07 12.86 9.63
C SER A 349 0.52 13.68 10.81
N VAL A 350 0.93 13.29 12.02
CA VAL A 350 0.55 14.04 13.23
C VAL A 350 0.94 15.50 13.06
N ALA A 351 2.17 15.73 12.62
CA ALA A 351 2.65 17.10 12.43
C ALA A 351 1.84 17.82 11.34
N SER A 352 1.53 17.12 10.25
CA SER A 352 0.77 17.73 9.15
C SER A 352 -0.64 18.12 9.59
N VAL A 353 -1.32 17.20 10.27
CA VAL A 353 -2.66 17.48 10.77
C VAL A 353 -2.68 18.60 11.82
N GLU A 354 -1.75 18.55 12.77
CA GLU A 354 -1.64 19.60 13.78
C GLU A 354 -1.33 20.97 13.14
N LEU A 355 -0.51 20.96 12.10
CA LEU A 355 -0.20 22.22 11.40
C LEU A 355 -1.44 22.77 10.73
N LEU A 356 -2.26 21.89 10.17
CA LEU A 356 -3.48 22.30 9.50
C LEU A 356 -4.48 22.87 10.52
N LEU A 357 -4.62 22.18 11.65
CA LEU A 357 -5.63 22.54 12.64
C LEU A 357 -5.22 23.77 13.44
N GLY A 358 -3.93 24.07 13.44
CA GLY A 358 -3.38 25.12 14.27
C GLY A 358 -3.37 26.46 13.58
N GLN A 359 -3.91 26.50 12.38
CA GLN A 359 -4.06 27.74 11.65
C GLN A 359 -5.52 27.91 11.25
N ASP A 360 -5.86 29.08 10.73
CA ASP A 360 -7.21 29.31 10.24
C ASP A 360 -7.31 28.73 8.83
N TRP A 361 -7.36 27.40 8.74
CA TRP A 361 -7.37 26.73 7.45
C TRP A 361 -8.63 27.10 6.65
N ARG A 362 -9.75 27.35 7.33
CA ARG A 362 -10.98 27.62 6.60
C ARG A 362 -10.88 28.91 5.79
N THR A 363 -10.29 29.96 6.36
CA THR A 363 -10.10 31.21 5.63
CA THR A 363 -10.14 31.20 5.59
C THR A 363 -9.05 31.05 4.53
N ARG A 364 -8.02 30.26 4.82
CA ARG A 364 -6.96 30.02 3.86
C ARG A 364 -7.54 29.38 2.60
N ILE A 365 -8.36 28.34 2.77
CA ILE A 365 -8.95 27.65 1.62
C ILE A 365 -9.95 28.55 0.89
N THR A 366 -10.70 29.35 1.64
CA THR A 366 -11.61 30.32 1.03
C THR A 366 -10.84 31.33 0.14
N GLU A 367 -9.70 31.80 0.63
CA GLU A 367 -8.89 32.71 -0.17
C GLU A 367 -8.33 32.02 -1.40
N LEU A 368 -7.92 30.76 -1.24
CA LEU A 368 -7.43 29.99 -2.37
CA LEU A 368 -7.42 29.97 -2.37
C LEU A 368 -8.51 29.82 -3.44
N ALA A 369 -9.71 29.48 -3.00
CA ALA A 369 -10.83 29.29 -3.91
C ALA A 369 -11.16 30.59 -4.66
N ALA A 370 -11.11 31.70 -3.93
CA ALA A 370 -11.44 32.98 -4.54
C ALA A 370 -10.41 33.31 -5.62
N GLY A 371 -9.15 33.00 -5.31
CA GLY A 371 -8.05 33.20 -6.24
C GLY A 371 -8.18 32.34 -7.48
N LEU A 372 -8.55 31.07 -7.28
CA LEU A 372 -8.79 30.18 -8.41
C LEU A 372 -9.96 30.69 -9.25
N THR A 373 -11.05 31.04 -8.60
CA THR A 373 -12.23 31.54 -9.31
C THR A 373 -11.89 32.77 -10.16
N ALA A 374 -11.16 33.71 -9.55
CA ALA A 374 -10.86 34.99 -10.21
C ALA A 374 -9.93 34.77 -11.39
N GLY A 375 -8.92 33.91 -11.21
CA GLY A 375 -7.91 33.69 -12.22
C GLY A 375 -8.36 32.81 -13.38
N LEU A 376 -9.36 31.98 -13.15
CA LEU A 376 -9.83 31.08 -14.19
C LEU A 376 -11.00 31.64 -14.99
N ASP A 377 -11.56 32.76 -14.55
CA ASP A 377 -12.79 33.24 -15.16
C ASP A 377 -12.64 33.51 -16.66
N THR A 378 -11.49 34.04 -17.07
CA THR A 378 -11.29 34.34 -18.49
C THR A 378 -11.32 33.09 -19.36
N ALA A 379 -11.06 31.92 -18.78
CA ALA A 379 -11.08 30.70 -19.57
C ALA A 379 -12.48 30.38 -20.12
N ARG A 380 -13.51 30.90 -19.47
CA ARG A 380 -14.87 30.59 -19.89
C ARG A 380 -15.15 31.03 -21.32
N ALA A 381 -14.42 32.04 -21.76
CA ALA A 381 -14.64 32.64 -23.08
C ALA A 381 -13.82 31.96 -24.18
N LEU A 382 -12.94 31.04 -23.77
CA LEU A 382 -12.11 30.31 -24.74
C LEU A 382 -12.95 29.29 -25.52
N PRO A 383 -12.68 29.16 -26.82
CA PRO A 383 -13.51 28.33 -27.70
C PRO A 383 -13.52 26.83 -27.35
N ALA A 384 -12.43 26.31 -26.81
CA ALA A 384 -12.35 24.88 -26.49
C ALA A 384 -12.76 24.56 -25.05
N VAL A 385 -13.20 25.57 -24.31
CA VAL A 385 -13.56 25.36 -22.90
C VAL A 385 -15.06 25.17 -22.74
N THR A 386 -15.46 24.12 -22.03
CA THR A 386 -16.89 23.85 -21.86
C THR A 386 -17.40 24.18 -20.47
N ASP A 387 -16.50 24.26 -19.50
CA ASP A 387 -16.90 24.60 -18.14
C ASP A 387 -15.69 25.03 -17.35
N VAL A 388 -15.91 25.95 -16.42
CA VAL A 388 -14.91 26.34 -15.43
C VAL A 388 -15.56 26.18 -14.06
N ARG A 389 -14.91 25.48 -13.14
CA ARG A 389 -15.52 25.27 -11.83
C ARG A 389 -14.46 25.17 -10.75
N VAL A 390 -14.82 25.65 -9.56
CA VAL A 390 -13.91 25.69 -8.43
C VAL A 390 -14.67 25.16 -7.22
N CYS A 391 -14.02 24.33 -6.42
CA CYS A 391 -14.58 23.91 -5.13
C CYS A 391 -13.44 23.85 -4.13
N GLY A 392 -13.41 24.77 -3.17
CA GLY A 392 -12.27 24.85 -2.26
C GLY A 392 -10.96 25.05 -3.03
N ALA A 393 -9.92 24.31 -2.66
CA ALA A 393 -8.65 24.44 -3.35
C ALA A 393 -8.54 23.46 -4.53
N ILE A 394 -9.61 23.40 -5.32
CA ILE A 394 -9.67 22.63 -6.56
C ILE A 394 -10.14 23.55 -7.68
N GLY A 395 -9.36 23.68 -8.74
CA GLY A 395 -9.74 24.54 -9.84
C GLY A 395 -9.71 23.77 -11.15
N VAL A 396 -10.77 23.86 -11.93
CA VAL A 396 -10.95 23.02 -13.11
C VAL A 396 -11.36 23.80 -14.34
N ILE A 397 -10.61 23.63 -15.43
CA ILE A 397 -11.05 23.99 -16.76
C ILE A 397 -11.37 22.71 -17.52
N GLU A 398 -12.65 22.51 -17.84
CA GLU A 398 -13.05 21.37 -18.65
C GLU A 398 -13.07 21.75 -20.12
N CYS A 399 -12.41 20.94 -20.95
CA CYS A 399 -12.24 21.25 -22.37
C CYS A 399 -13.09 20.34 -23.24
N ASP A 400 -13.23 20.70 -24.51
CA ASP A 400 -14.15 19.98 -25.39
C ASP A 400 -13.48 18.77 -26.04
N ARG A 401 -12.23 18.53 -25.68
CA ARG A 401 -11.46 17.41 -26.22
C ARG A 401 -10.44 16.95 -25.20
N PRO A 402 -9.98 15.70 -25.32
CA PRO A 402 -8.88 15.25 -24.47
C PRO A 402 -7.67 16.17 -24.59
N VAL A 403 -7.00 16.44 -23.49
CA VAL A 403 -5.87 17.36 -23.48
C VAL A 403 -4.58 16.63 -23.80
N ASP A 404 -3.88 17.10 -24.83
CA ASP A 404 -2.63 16.48 -25.26
C ASP A 404 -1.49 16.89 -24.34
N LEU A 405 -0.92 15.94 -23.60
CA LEU A 405 0.16 16.25 -22.67
C LEU A 405 1.39 16.77 -23.39
N ALA A 406 1.61 16.31 -24.62
CA ALA A 406 2.78 16.72 -25.39
C ALA A 406 2.75 18.23 -25.65
N VAL A 407 1.54 18.79 -25.73
CA VAL A 407 1.35 20.23 -25.89
C VAL A 407 1.28 20.92 -24.54
N ALA A 408 0.45 20.39 -23.65
CA ALA A 408 0.19 21.01 -22.35
C ALA A 408 1.41 21.12 -21.44
N THR A 409 2.21 20.07 -21.36
CA THR A 409 3.27 20.05 -20.35
C THR A 409 4.33 21.12 -20.61
N PRO A 410 4.87 21.18 -21.85
CA PRO A 410 5.84 22.27 -22.05
C PRO A 410 5.21 23.67 -22.01
N ALA A 411 3.95 23.81 -22.38
CA ALA A 411 3.32 25.12 -22.32
C ALA A 411 3.23 25.62 -20.88
N ALA A 412 2.90 24.71 -19.97
CA ALA A 412 2.84 25.07 -18.56
C ALA A 412 4.25 25.35 -18.01
N LEU A 413 5.22 24.54 -18.38
CA LEU A 413 6.59 24.73 -17.90
C LEU A 413 7.14 26.07 -18.36
N ASP A 414 6.79 26.45 -19.59
CA ASP A 414 7.22 27.74 -20.15
C ASP A 414 6.69 28.91 -19.30
N ARG A 415 5.62 28.65 -18.54
CA ARG A 415 5.03 29.69 -17.72
CA ARG A 415 4.96 29.63 -17.71
C ARG A 415 5.29 29.46 -16.23
N GLY A 416 6.28 28.62 -15.94
CA GLY A 416 6.75 28.40 -14.58
C GLY A 416 5.84 27.57 -13.69
N VAL A 417 5.04 26.71 -14.30
CA VAL A 417 4.10 25.90 -13.53
C VAL A 417 4.15 24.43 -13.96
N TRP A 418 4.17 23.53 -12.98
CA TRP A 418 4.00 22.11 -13.26
C TRP A 418 2.50 21.78 -13.23
N LEU A 419 1.96 21.46 -14.40
CA LEU A 419 0.57 21.01 -14.56
C LEU A 419 0.56 19.64 -15.20
N ARG A 420 -0.35 18.78 -14.75
CA ARG A 420 -0.56 17.50 -15.44
C ARG A 420 -2.06 17.31 -15.68
N PRO A 421 -2.52 17.69 -16.88
CA PRO A 421 -3.91 17.43 -17.26
C PRO A 421 -4.19 15.94 -17.31
N PHE A 422 -5.47 15.58 -17.23
CA PHE A 422 -5.86 14.22 -17.59
C PHE A 422 -7.25 14.30 -18.19
N ARG A 423 -7.66 13.24 -18.89
CA ARG A 423 -8.91 13.27 -19.66
C ARG A 423 -8.97 14.60 -20.43
N ASN A 424 -10.07 15.33 -20.29
CA ASN A 424 -10.25 16.62 -20.95
C ASN A 424 -10.13 17.78 -19.98
N LEU A 425 -9.34 17.58 -18.92
CA LEU A 425 -9.30 18.52 -17.82
C LEU A 425 -7.95 19.19 -17.65
N VAL A 426 -7.97 20.51 -17.56
CA VAL A 426 -6.82 21.27 -17.10
C VAL A 426 -7.16 21.72 -15.69
N TYR A 427 -6.50 21.16 -14.69
CA TYR A 427 -6.90 21.43 -13.32
C TYR A 427 -5.71 21.64 -12.38
N ALA A 428 -5.97 22.21 -11.22
CA ALA A 428 -4.97 22.39 -10.20
C ALA A 428 -5.55 22.06 -8.85
N MET A 429 -4.70 21.54 -7.98
CA MET A 429 -5.01 21.32 -6.58
C MET A 429 -3.79 21.79 -5.82
N PRO A 430 -3.66 23.12 -5.70
CA PRO A 430 -2.38 23.69 -5.24
C PRO A 430 -2.15 23.53 -3.74
N PRO A 431 -0.88 23.64 -3.33
CA PRO A 431 -0.56 23.65 -1.89
C PRO A 431 -1.30 24.80 -1.17
N TYR A 432 -1.65 24.60 0.09
CA TYR A 432 -2.41 25.60 0.84
C TYR A 432 -1.55 26.82 1.13
N ILE A 433 -0.23 26.65 1.05
CA ILE A 433 0.70 27.75 1.33
C ILE A 433 0.93 28.69 0.15
N CYS A 434 0.32 28.41 -1.00
CA CYS A 434 0.48 29.28 -2.16
C CYS A 434 -0.02 30.69 -1.85
N THR A 435 0.81 31.67 -2.15
CA THR A 435 0.41 33.07 -2.03
C THR A 435 -0.60 33.43 -3.13
N PRO A 436 -1.35 34.53 -2.94
CA PRO A 436 -2.28 34.93 -4.00
C PRO A 436 -1.58 35.13 -5.35
N ALA A 437 -0.34 35.62 -5.31
CA ALA A 437 0.42 35.83 -6.54
C ALA A 437 0.72 34.50 -7.21
N GLU A 438 1.06 33.50 -6.40
CA GLU A 438 1.39 32.18 -6.93
C GLU A 438 0.15 31.52 -7.52
N ILE A 439 -0.99 31.73 -6.88
CA ILE A 439 -2.24 31.19 -7.41
C ILE A 439 -2.54 31.82 -8.76
N THR A 440 -2.32 33.13 -8.88
CA THR A 440 -2.56 33.79 -10.16
C THR A 440 -1.59 33.33 -11.24
N GLN A 441 -0.34 33.02 -10.87
CA GLN A 441 0.59 32.43 -11.84
C GLN A 441 0.09 31.05 -12.30
N ILE A 442 -0.44 30.27 -11.36
CA ILE A 442 -0.96 28.95 -11.67
C ILE A 442 -2.17 29.05 -12.60
N THR A 443 -3.13 29.91 -12.26
CA THR A 443 -4.33 30.04 -13.11
C THR A 443 -3.95 30.60 -14.48
N SER A 444 -2.97 31.49 -14.54
CA SER A 444 -2.56 32.06 -15.81
CA SER A 444 -2.54 32.06 -15.81
C SER A 444 -2.01 30.97 -16.73
N ALA A 445 -1.21 30.08 -16.16
CA ALA A 445 -0.66 28.97 -16.91
C ALA A 445 -1.79 28.06 -17.41
N MET A 446 -2.79 27.83 -16.56
CA MET A 446 -3.92 26.95 -16.92
C MET A 446 -4.70 27.51 -18.09
N VAL A 447 -4.98 28.81 -18.02
CA VAL A 447 -5.70 29.48 -19.09
C VAL A 447 -4.92 29.39 -20.40
N GLU A 448 -3.60 29.57 -20.33
CA GLU A 448 -2.79 29.50 -21.54
C GLU A 448 -2.72 28.08 -22.09
N VAL A 449 -2.69 27.09 -21.22
CA VAL A 449 -2.75 25.70 -21.70
C VAL A 449 -4.08 25.47 -22.43
N ALA A 450 -5.17 25.94 -21.83
CA ALA A 450 -6.50 25.76 -22.43
C ALA A 450 -6.60 26.51 -23.77
N ARG A 451 -5.96 27.68 -23.84
CA ARG A 451 -5.95 28.45 -25.08
C ARG A 451 -5.25 27.65 -26.17
N LEU A 452 -4.13 27.02 -25.82
CA LEU A 452 -3.38 26.23 -26.78
C LEU A 452 -4.13 24.97 -27.21
N VAL A 453 -4.91 24.39 -26.30
CA VAL A 453 -5.73 23.23 -26.62
C VAL A 453 -6.66 23.50 -27.80
N GLY A 454 -7.23 24.70 -27.83
CA GLY A 454 -8.17 25.06 -28.87
C GLY A 454 -7.54 25.68 -30.12
N SER A 455 -6.33 25.23 -30.46
CA SER A 455 -5.65 25.70 -31.67
C SER A 455 -4.53 24.76 -32.09
N LEU B 28 2.88 11.74 25.04
CA LEU B 28 2.03 10.78 25.74
C LEU B 28 2.86 9.82 26.57
N THR B 29 2.39 9.53 27.78
CA THR B 29 2.97 8.48 28.61
C THR B 29 2.54 7.11 28.08
N PRO B 30 3.27 6.05 28.44
CA PRO B 30 2.86 4.68 28.11
C PRO B 30 1.41 4.34 28.52
N GLU B 31 0.98 4.80 29.70
CA GLU B 31 -0.39 4.53 30.13
C GLU B 31 -1.41 5.25 29.24
N GLN B 32 -1.10 6.48 28.85
CA GLN B 32 -1.97 7.24 27.95
C GLN B 32 -2.03 6.61 26.55
N ILE B 33 -0.88 6.12 26.10
CA ILE B 33 -0.80 5.40 24.83
C ILE B 33 -1.70 4.16 24.88
N ILE B 34 -1.59 3.38 25.97
CA ILE B 34 -2.40 2.19 26.13
C ILE B 34 -3.89 2.51 26.11
N ALA B 35 -4.26 3.63 26.74
CA ALA B 35 -5.65 4.04 26.83
C ALA B 35 -6.21 4.41 25.46
N VAL B 36 -5.46 5.25 24.75
CA VAL B 36 -5.85 5.65 23.40
C VAL B 36 -5.90 4.44 22.47
N ASP B 37 -4.88 3.59 22.57
CA ASP B 37 -4.80 2.40 21.75
C ASP B 37 -5.99 1.49 21.94
N GLY B 38 -6.36 1.25 23.20
CA GLY B 38 -7.47 0.36 23.48
C GLY B 38 -8.78 0.91 22.96
N ALA B 39 -8.88 2.23 22.89
CA ALA B 39 -10.15 2.85 22.53
C ALA B 39 -10.30 3.01 21.03
N HIS B 40 -9.18 3.24 20.35
CA HIS B 40 -9.27 3.69 18.97
C HIS B 40 -8.44 2.94 17.94
N LEU B 41 -7.50 2.09 18.36
CA LEU B 41 -6.62 1.46 17.37
C LEU B 41 -6.96 -0.01 17.09
N TRP B 42 -7.10 -0.31 15.81
CA TRP B 42 -7.32 -1.69 15.38
C TRP B 42 -5.97 -2.28 15.05
N HIS B 43 -5.63 -3.39 15.69
CA HIS B 43 -4.37 -4.04 15.42
C HIS B 43 -4.54 -5.13 14.37
N PRO B 44 -3.44 -5.53 13.75
CA PRO B 44 -3.58 -6.52 12.68
C PRO B 44 -4.04 -7.89 13.16
N TYR B 45 -4.84 -8.55 12.33
CA TYR B 45 -5.26 -9.93 12.59
C TYR B 45 -5.90 -10.06 13.95
N SER B 46 -6.78 -9.13 14.27
CA SER B 46 -7.36 -9.12 15.60
C SER B 46 -8.77 -8.59 15.61
N SER B 47 -9.43 -8.80 16.73
CA SER B 47 -10.73 -8.22 16.95
CA SER B 47 -10.73 -8.21 16.98
C SER B 47 -10.52 -6.90 17.71
N ILE B 48 -11.56 -6.09 17.80
CA ILE B 48 -11.51 -4.89 18.60
C ILE B 48 -12.16 -5.21 19.95
N GLY B 49 -11.51 -4.80 21.05
CA GLY B 49 -12.07 -5.00 22.38
C GLY B 49 -12.15 -6.44 22.87
N ARG B 50 -11.42 -7.35 22.21
CA ARG B 50 -11.40 -8.75 22.64
C ARG B 50 -10.01 -9.36 22.51
N GLU B 51 -9.06 -8.57 22.03
CA GLU B 51 -7.70 -9.05 21.86
C GLU B 51 -6.79 -8.54 22.98
N SER B 54 -3.51 -7.57 24.74
CA SER B 54 -3.13 -6.17 24.92
C SER B 54 -1.73 -5.89 24.37
N PRO B 55 -1.61 -4.90 23.46
CA PRO B 55 -0.28 -4.63 22.89
C PRO B 55 0.67 -4.03 23.92
N VAL B 56 1.95 -4.27 23.70
CA VAL B 56 3.04 -3.74 24.51
C VAL B 56 3.53 -2.43 23.89
N VAL B 57 3.68 -1.41 24.71
CA VAL B 57 4.17 -0.13 24.21
C VAL B 57 5.65 -0.18 23.86
N ALA B 58 5.98 0.24 22.64
CA ALA B 58 7.37 0.39 22.19
C ALA B 58 7.73 1.86 22.22
N VAL B 59 8.86 2.21 22.83
CA VAL B 59 9.26 3.61 22.95
C VAL B 59 10.55 3.93 22.20
N ALA B 60 11.31 2.90 21.83
CA ALA B 60 12.53 3.13 21.09
C ALA B 60 12.99 1.88 20.37
N ALA B 61 13.81 2.06 19.34
CA ALA B 61 14.43 0.94 18.68
C ALA B 61 15.79 1.36 18.16
N HIS B 62 16.81 0.54 18.43
CA HIS B 62 18.16 0.87 17.98
C HIS B 62 18.94 -0.42 17.79
N GLY B 63 19.61 -0.56 16.66
CA GLY B 63 20.29 -1.80 16.34
C GLY B 63 19.30 -2.95 16.37
N ALA B 64 19.68 -4.05 16.98
CA ALA B 64 18.83 -5.24 17.04
C ALA B 64 17.86 -5.22 18.22
N TRP B 65 17.80 -4.10 18.93
CA TRP B 65 17.05 -4.01 20.18
C TRP B 65 15.87 -3.04 20.15
N LEU B 66 14.77 -3.49 20.76
CA LEU B 66 13.60 -2.65 21.01
C LEU B 66 13.59 -2.25 22.48
N THR B 67 13.11 -1.04 22.77
CA THR B 67 12.83 -0.66 24.15
C THR B 67 11.31 -0.72 24.33
N LEU B 68 10.87 -1.65 25.17
CA LEU B 68 9.44 -1.86 25.41
C LEU B 68 9.09 -1.57 26.85
N ILE B 69 7.82 -1.33 27.12
CA ILE B 69 7.38 -1.03 28.47
C ILE B 69 6.75 -2.29 29.04
N ARG B 70 7.41 -2.88 30.03
CA ARG B 70 6.87 -4.06 30.71
C ARG B 70 6.60 -3.70 32.15
N ASP B 71 5.34 -3.83 32.56
CA ASP B 71 4.91 -3.50 33.91
C ASP B 71 5.47 -2.15 34.36
N GLY B 72 5.35 -1.15 33.48
CA GLY B 72 5.80 0.20 33.77
C GLY B 72 7.29 0.48 33.57
N GLN B 73 8.10 -0.56 33.44
CA GLN B 73 9.55 -0.38 33.29
C GLN B 73 9.98 -0.48 31.82
N PRO B 74 10.78 0.48 31.35
CA PRO B 74 11.37 0.34 30.01
C PRO B 74 12.46 -0.73 30.02
N ILE B 75 12.34 -1.71 29.14
CA ILE B 75 13.38 -2.74 29.02
C ILE B 75 13.84 -2.88 27.59
N GLU B 76 15.08 -3.27 27.42
CA GLU B 76 15.61 -3.54 26.09
C GLU B 76 15.53 -5.02 25.77
N VAL B 77 14.92 -5.34 24.63
CA VAL B 77 14.75 -6.73 24.20
C VAL B 77 15.13 -6.88 22.73
N LEU B 78 15.59 -8.07 22.38
CA LEU B 78 16.00 -8.33 21.01
C LEU B 78 14.81 -8.46 20.06
N ASP B 79 14.89 -7.78 18.91
CA ASP B 79 13.86 -7.86 17.88
C ASP B 79 14.10 -9.11 17.05
N ALA B 80 13.76 -10.26 17.63
CA ALA B 80 14.01 -11.55 16.99
C ALA B 80 13.20 -11.71 15.71
N MET B 81 12.15 -10.89 15.53
CA MET B 81 11.30 -10.98 14.36
C MET B 81 11.73 -10.04 13.24
N SER B 82 12.78 -9.26 13.49
CA SER B 82 13.16 -8.14 12.63
C SER B 82 11.96 -7.25 12.28
N SER B 83 11.03 -7.09 13.22
CA SER B 83 9.82 -6.30 12.95
C SER B 83 9.11 -6.79 11.68
N TRP B 84 8.62 -8.01 11.78
CA TRP B 84 8.01 -8.73 10.67
C TRP B 84 8.93 -8.78 9.44
N TRP B 85 10.18 -9.13 9.69
CA TRP B 85 11.12 -9.61 8.66
C TRP B 85 11.67 -8.49 7.78
N THR B 86 11.76 -7.28 8.32
CA THR B 86 12.13 -6.10 7.53
C THR B 86 13.49 -5.50 7.93
N ALA B 87 13.79 -5.51 9.23
CA ALA B 87 14.90 -4.75 9.77
C ALA B 87 16.22 -5.52 9.68
N ILE B 88 16.64 -5.81 8.45
CA ILE B 88 17.81 -6.68 8.25
C ILE B 88 19.12 -6.05 8.75
N HIS B 89 19.20 -4.72 8.74
CA HIS B 89 20.40 -4.05 9.27
C HIS B 89 20.16 -3.51 10.68
N GLY B 90 19.11 -4.00 11.33
CA GLY B 90 18.68 -3.42 12.59
C GLY B 90 18.08 -2.03 12.42
N HIS B 91 17.61 -1.48 13.53
CA HIS B 91 16.96 -0.17 13.56
C HIS B 91 17.96 0.98 13.72
N GLY B 92 17.69 2.10 13.07
CA GLY B 92 18.48 3.30 13.30
C GLY B 92 19.93 3.11 12.95
N HIS B 93 20.17 2.35 11.89
CA HIS B 93 21.52 2.17 11.36
C HIS B 93 21.99 3.51 10.80
N PRO B 94 23.19 3.96 11.21
CA PRO B 94 23.65 5.31 10.82
C PRO B 94 23.65 5.57 9.31
N ALA B 95 23.97 4.58 8.50
CA ALA B 95 24.02 4.79 7.06
C ALA B 95 22.63 5.03 6.50
N LEU B 96 21.66 4.28 7.02
CA LEU B 96 20.29 4.36 6.50
C LEU B 96 19.63 5.63 7.03
N ASP B 97 19.84 5.94 8.30
CA ASP B 97 19.40 7.21 8.87
C ASP B 97 19.90 8.40 8.05
N GLN B 98 21.20 8.39 7.75
CA GLN B 98 21.80 9.48 7.00
CA GLN B 98 21.78 9.48 7.00
C GLN B 98 21.22 9.58 5.58
N ALA B 99 21.02 8.44 4.93
CA ALA B 99 20.46 8.48 3.57
C ALA B 99 19.11 9.17 3.54
N LEU B 100 18.28 8.84 4.52
CA LEU B 100 16.95 9.41 4.65
C LEU B 100 17.03 10.91 4.90
N THR B 101 17.87 11.32 5.86
CA THR B 101 17.96 12.73 6.20
C THR B 101 18.60 13.51 5.06
N THR B 102 19.52 12.89 4.33
CA THR B 102 20.10 13.53 3.15
C THR B 102 19.02 13.82 2.10
N GLN B 103 18.19 12.83 1.81
CA GLN B 103 17.13 13.02 0.83
C GLN B 103 16.09 14.02 1.32
N LEU B 104 15.79 14.01 2.61
CA LEU B 104 14.79 14.89 3.19
C LEU B 104 15.13 16.37 2.95
N ARG B 105 16.42 16.68 2.94
CA ARG B 105 16.82 18.08 2.78
CA ARG B 105 16.87 18.07 2.77
C ARG B 105 16.79 18.56 1.33
N VAL B 106 16.61 17.63 0.40
CA VAL B 106 16.62 17.97 -1.03
CA VAL B 106 16.59 18.07 -1.00
C VAL B 106 15.22 17.87 -1.66
N MET B 107 14.54 16.76 -1.39
CA MET B 107 13.27 16.52 -2.04
C MET B 107 12.55 15.37 -1.35
N ASN B 108 11.49 15.68 -0.59
CA ASN B 108 10.76 14.64 0.13
C ASN B 108 10.05 13.70 -0.82
N HIS B 109 9.32 14.29 -1.77
CA HIS B 109 8.48 13.51 -2.68
C HIS B 109 8.04 14.35 -3.86
N VAL B 110 7.99 13.74 -5.04
CA VAL B 110 7.28 14.34 -6.18
C VAL B 110 6.45 13.25 -6.82
N MET B 111 5.41 13.63 -7.57
CA MET B 111 4.58 12.62 -8.25
C MET B 111 5.35 11.95 -9.37
N PHE B 112 5.14 10.64 -9.54
CA PHE B 112 5.89 9.89 -10.55
C PHE B 112 5.18 9.93 -11.90
N GLY B 113 4.03 10.62 -11.93
CA GLY B 113 3.32 10.87 -13.18
C GLY B 113 3.92 12.08 -13.89
N GLY B 114 4.78 11.81 -14.85
CA GLY B 114 5.38 12.85 -15.66
C GLY B 114 6.75 13.29 -15.19
N LEU B 115 7.14 12.86 -14.00
CA LEU B 115 8.45 13.21 -13.43
C LEU B 115 9.26 11.96 -13.09
N THR B 116 10.57 12.11 -13.05
CA THR B 116 11.40 11.04 -12.53
C THR B 116 12.48 11.66 -11.64
N HIS B 117 13.29 10.83 -11.00
CA HIS B 117 14.25 11.36 -10.05
C HIS B 117 15.37 10.38 -9.71
N GLU B 118 16.38 10.91 -9.03
CA GLU B 118 17.61 10.16 -8.78
C GLU B 118 17.39 8.93 -7.90
N PRO B 119 16.66 9.06 -6.77
CA PRO B 119 16.49 7.83 -5.96
C PRO B 119 15.75 6.71 -6.69
N ALA B 120 14.72 7.02 -7.49
CA ALA B 120 14.05 5.98 -8.26
C ALA B 120 15.01 5.32 -9.25
N ALA B 121 15.82 6.14 -9.93
CA ALA B 121 16.74 5.61 -10.93
C ALA B 121 17.85 4.78 -10.26
N ARG B 122 18.41 5.29 -9.17
CA ARG B 122 19.46 4.54 -8.48
C ARG B 122 18.93 3.22 -7.96
N LEU B 123 17.69 3.22 -7.46
CA LEU B 123 17.14 1.99 -6.92
C LEU B 123 16.79 0.99 -8.03
N ALA B 124 16.21 1.48 -9.13
CA ALA B 124 15.83 0.59 -10.22
C ALA B 124 17.06 -0.08 -10.79
N LYS B 125 18.13 0.69 -10.95
CA LYS B 125 19.38 0.17 -11.49
C LYS B 125 19.96 -0.91 -10.58
N LEU B 126 19.98 -0.67 -9.27
CA LEU B 126 20.41 -1.69 -8.31
C LEU B 126 19.57 -2.96 -8.40
N LEU B 127 18.25 -2.80 -8.38
CA LEU B 127 17.39 -3.98 -8.37
C LEU B 127 17.51 -4.77 -9.66
N VAL B 128 17.62 -4.09 -10.80
CA VAL B 128 17.75 -4.83 -12.05
C VAL B 128 19.07 -5.60 -12.08
N ASP B 129 20.09 -5.03 -11.45
CA ASP B 129 21.41 -5.67 -11.48
C ASP B 129 21.54 -6.87 -10.53
N ILE B 130 20.83 -6.84 -9.41
CA ILE B 130 21.02 -7.91 -8.41
C ILE B 130 19.97 -8.99 -8.47
N THR B 131 18.90 -8.79 -9.22
CA THR B 131 17.84 -9.79 -9.29
C THR B 131 18.21 -10.83 -10.33
N PRO B 132 17.48 -11.96 -10.36
CA PRO B 132 17.72 -12.98 -11.39
C PRO B 132 17.71 -12.42 -12.81
N ALA B 133 18.56 -12.99 -13.65
CA ALA B 133 18.82 -12.47 -14.99
C ALA B 133 17.55 -12.28 -15.81
N GLY B 134 17.47 -11.18 -16.53
CA GLY B 134 16.36 -10.96 -17.45
C GLY B 134 15.28 -10.04 -16.91
N LEU B 135 15.34 -9.75 -15.61
CA LEU B 135 14.37 -8.88 -14.96
C LEU B 135 14.88 -7.45 -15.07
N ASP B 136 14.38 -6.72 -16.04
CA ASP B 136 15.02 -5.44 -16.38
C ASP B 136 14.06 -4.25 -16.34
N THR B 137 12.83 -4.48 -15.89
CA THR B 137 11.88 -3.38 -15.75
CA THR B 137 11.83 -3.42 -15.79
C THR B 137 11.29 -3.41 -14.35
N VAL B 138 11.14 -2.22 -13.77
CA VAL B 138 10.73 -2.09 -12.37
C VAL B 138 9.50 -1.21 -12.23
N PHE B 139 8.45 -1.77 -11.63
CA PHE B 139 7.26 -1.01 -11.29
C PHE B 139 7.17 -0.85 -9.78
N PHE B 140 7.40 0.36 -9.27
CA PHE B 140 7.37 0.55 -7.81
C PHE B 140 5.96 0.67 -7.29
N SER B 141 5.73 0.13 -6.09
CA SER B 141 4.48 0.40 -5.40
C SER B 141 4.72 0.58 -3.90
N ASP B 142 3.65 0.71 -3.14
CA ASP B 142 3.84 1.10 -1.75
CA ASP B 142 3.71 1.12 -1.74
C ASP B 142 3.65 -0.03 -0.74
N SER B 143 3.27 -1.22 -1.19
CA SER B 143 3.21 -2.36 -0.27
C SER B 143 3.28 -3.69 -0.97
N GLY B 144 3.58 -4.73 -0.20
CA GLY B 144 3.76 -6.05 -0.77
C GLY B 144 2.52 -6.54 -1.48
N SER B 145 1.36 -6.36 -0.83
CA SER B 145 0.12 -6.87 -1.38
C SER B 145 -0.18 -6.15 -2.69
N VAL B 146 0.13 -4.85 -2.75
CA VAL B 146 -0.10 -4.14 -3.99
C VAL B 146 0.85 -4.66 -5.07
N SER B 147 2.10 -4.95 -4.72
CA SER B 147 3.04 -5.40 -5.74
C SER B 147 2.59 -6.74 -6.32
N VAL B 148 1.89 -7.53 -5.49
CA VAL B 148 1.35 -8.82 -5.95
C VAL B 148 0.17 -8.59 -6.91
N GLU B 149 -0.68 -7.62 -6.60
CA GLU B 149 -1.79 -7.32 -7.49
C GLU B 149 -1.25 -6.77 -8.80
N VAL B 150 -0.19 -5.97 -8.73
CA VAL B 150 0.44 -5.45 -9.95
C VAL B 150 1.00 -6.60 -10.81
N ALA B 151 1.59 -7.57 -10.14
CA ALA B 151 2.16 -8.73 -10.84
C ALA B 151 1.06 -9.49 -11.55
N ALA B 152 -0.06 -9.70 -10.87
CA ALA B 152 -1.20 -10.38 -11.46
C ALA B 152 -1.75 -9.58 -12.63
N LYS B 153 -1.85 -8.27 -12.47
CA LYS B 153 -2.34 -7.41 -13.55
C LYS B 153 -1.43 -7.53 -14.77
N MET B 154 -0.13 -7.50 -14.53
CA MET B 154 0.86 -7.67 -15.60
C MET B 154 0.63 -8.98 -16.33
N ALA B 155 0.50 -10.06 -15.58
CA ALA B 155 0.29 -11.37 -16.20
C ALA B 155 -0.99 -11.44 -17.01
N LEU B 156 -2.11 -10.94 -16.47
CA LEU B 156 -3.34 -10.97 -17.23
C LEU B 156 -3.25 -10.07 -18.46
N GLN B 157 -2.59 -8.91 -18.31
CA GLN B 157 -2.60 -7.96 -19.42
C GLN B 157 -1.69 -8.46 -20.52
N TYR B 158 -0.64 -9.17 -20.12
CA TYR B 158 0.27 -9.85 -21.04
C TYR B 158 -0.51 -10.75 -22.01
N TRP B 159 -1.30 -11.68 -21.48
CA TRP B 159 -2.00 -12.61 -22.35
C TRP B 159 -3.07 -11.92 -23.17
N ARG B 160 -3.66 -10.85 -22.63
CA ARG B 160 -4.56 -10.02 -23.44
C ARG B 160 -3.81 -9.43 -24.63
N GLY B 161 -2.56 -8.99 -24.40
CA GLY B 161 -1.72 -8.48 -25.46
C GLY B 161 -1.28 -9.54 -26.46
N ARG B 162 -1.54 -10.81 -26.14
CA ARG B 162 -1.23 -11.93 -27.02
C ARG B 162 -2.50 -12.48 -27.67
N GLY B 163 -3.63 -11.79 -27.46
CA GLY B 163 -4.89 -12.25 -27.99
C GLY B 163 -5.47 -13.47 -27.28
N LEU B 164 -5.05 -13.70 -26.04
CA LEU B 164 -5.53 -14.84 -25.27
C LEU B 164 -6.17 -14.43 -23.93
N PRO B 165 -7.30 -13.71 -23.97
CA PRO B 165 -7.89 -13.17 -22.75
C PRO B 165 -8.51 -14.24 -21.85
N GLY B 166 -8.61 -15.46 -22.36
CA GLY B 166 -9.09 -16.57 -21.56
C GLY B 166 -8.07 -17.01 -20.52
N LYS B 167 -6.81 -16.63 -20.70
CA LYS B 167 -5.76 -16.98 -19.74
C LYS B 167 -5.77 -15.96 -18.59
N ARG B 168 -6.59 -16.22 -17.58
CA ARG B 168 -6.87 -15.22 -16.56
C ARG B 168 -6.89 -15.75 -15.13
N ARG B 169 -6.72 -17.07 -14.98
CA ARG B 169 -6.65 -17.67 -13.65
C ARG B 169 -5.19 -17.77 -13.19
N LEU B 170 -5.01 -17.95 -11.89
CA LEU B 170 -3.69 -18.20 -11.32
C LEU B 170 -3.60 -19.62 -10.78
N MET B 171 -2.40 -20.18 -10.80
CA MET B 171 -2.16 -21.47 -10.18
C MET B 171 -1.05 -21.32 -9.13
N THR B 172 -1.22 -22.01 -8.01
CA THR B 172 -0.18 -22.01 -7.01
C THR B 172 -0.21 -23.35 -6.32
N TRP B 173 0.65 -23.53 -5.32
CA TRP B 173 0.62 -24.73 -4.51
C TRP B 173 0.11 -24.34 -3.12
N ARG B 174 -0.33 -25.33 -2.34
CA ARG B 174 -0.84 -25.05 -0.99
C ARG B 174 0.27 -24.61 -0.05
N GLY B 175 -0.13 -24.03 1.08
CA GLY B 175 0.79 -23.54 2.09
C GLY B 175 1.29 -22.12 1.84
N GLY B 176 0.75 -21.47 0.82
CA GLY B 176 1.28 -20.17 0.39
C GLY B 176 0.59 -18.97 0.99
N TYR B 177 1.29 -17.83 0.93
CA TYR B 177 0.72 -16.55 1.37
C TYR B 177 1.26 -15.42 0.50
N HIS B 178 0.40 -14.48 0.14
CA HIS B 178 0.79 -13.44 -0.81
C HIS B 178 0.20 -12.07 -0.46
N GLY B 179 -0.29 -11.92 0.76
CA GLY B 179 -0.83 -10.63 1.18
C GLY B 179 -2.32 -10.66 1.46
N ASP B 180 -2.89 -9.49 1.73
CA ASP B 180 -4.22 -9.40 2.33
C ASP B 180 -5.28 -8.68 1.50
N THR B 181 -4.90 -8.09 0.37
CA THR B 181 -5.89 -7.52 -0.54
C THR B 181 -6.66 -8.66 -1.23
N PHE B 182 -7.82 -8.38 -1.81
CA PHE B 182 -8.71 -9.48 -2.18
C PHE B 182 -8.13 -10.41 -3.26
N LEU B 183 -7.38 -9.88 -4.21
CA LEU B 183 -6.78 -10.76 -5.23
C LEU B 183 -5.65 -11.56 -4.58
N ALA B 184 -4.85 -10.90 -3.74
CA ALA B 184 -3.76 -11.60 -3.08
C ALA B 184 -4.33 -12.73 -2.20
N MET B 185 -5.46 -12.47 -1.56
CA MET B 185 -6.07 -13.48 -0.71
C MET B 185 -6.41 -14.75 -1.48
N SER B 186 -6.71 -14.59 -2.77
CA SER B 186 -7.20 -15.73 -3.56
C SER B 186 -6.13 -16.79 -3.80
N ILE B 187 -4.86 -16.48 -3.57
CA ILE B 187 -3.81 -17.49 -3.73
C ILE B 187 -3.18 -17.85 -2.40
N CYS B 188 -3.78 -17.39 -1.32
CA CYS B 188 -3.50 -17.94 0.00
C CYS B 188 -4.16 -19.32 0.10
N ASP B 189 -3.53 -20.24 0.83
CA ASP B 189 -4.09 -21.59 0.98
CA ASP B 189 -4.08 -21.59 1.01
C ASP B 189 -5.50 -21.54 1.58
N PRO B 190 -6.50 -22.00 0.81
CA PRO B 190 -7.91 -21.94 1.19
C PRO B 190 -8.30 -22.86 2.34
N HIS B 191 -7.49 -23.88 2.61
CA HIS B 191 -7.90 -24.87 3.61
C HIS B 191 -7.59 -24.39 5.02
N GLY B 192 -6.36 -23.95 5.26
CA GLY B 192 -5.99 -23.51 6.59
C GLY B 192 -5.13 -22.26 6.62
N GLY B 193 -5.05 -21.56 5.49
CA GLY B 193 -4.35 -20.29 5.46
C GLY B 193 -5.17 -19.23 6.18
N MET B 194 -4.58 -18.08 6.45
CA MET B 194 -5.26 -17.10 7.30
C MET B 194 -6.53 -16.52 6.66
N HIS B 195 -6.69 -16.68 5.35
CA HIS B 195 -7.87 -16.14 4.67
C HIS B 195 -8.92 -17.20 4.35
N SER B 196 -8.85 -18.33 5.05
CA SER B 196 -9.65 -19.50 4.72
CA SER B 196 -9.64 -19.51 4.73
C SER B 196 -11.14 -19.27 4.89
N LEU B 197 -11.52 -18.35 5.76
CA LEU B 197 -12.95 -18.15 5.97
C LEU B 197 -13.62 -17.45 4.79
N TRP B 198 -12.80 -16.92 3.87
CA TRP B 198 -13.31 -16.10 2.78
C TRP B 198 -13.47 -16.82 1.44
N THR B 199 -13.26 -18.13 1.41
CA THR B 199 -13.19 -18.82 0.12
CA THR B 199 -13.22 -18.88 0.16
C THR B 199 -14.43 -18.65 -0.74
N ASP B 200 -15.61 -18.58 -0.13
CA ASP B 200 -16.83 -18.45 -0.92
C ASP B 200 -16.92 -17.12 -1.69
N VAL B 201 -16.15 -16.10 -1.31
CA VAL B 201 -16.23 -14.83 -2.05
C VAL B 201 -15.00 -14.53 -2.90
N LEU B 202 -13.92 -15.29 -2.72
CA LEU B 202 -12.71 -15.04 -3.48
C LEU B 202 -12.73 -15.66 -4.88
N ALA B 203 -11.96 -15.08 -5.80
CA ALA B 203 -11.72 -15.71 -7.09
C ALA B 203 -11.23 -17.13 -6.84
N ALA B 204 -11.76 -18.10 -7.57
CA ALA B 204 -11.33 -19.48 -7.43
C ALA B 204 -10.10 -19.76 -8.29
N GLN B 205 -8.98 -20.02 -7.64
CA GLN B 205 -7.75 -20.27 -8.36
C GLN B 205 -7.46 -21.76 -8.37
N VAL B 206 -6.40 -22.16 -9.05
CA VAL B 206 -6.04 -23.57 -9.15
C VAL B 206 -4.95 -23.89 -8.14
N PHE B 207 -5.21 -24.84 -7.25
CA PHE B 207 -4.20 -25.19 -6.25
C PHE B 207 -3.67 -26.60 -6.45
N ALA B 208 -2.36 -26.71 -6.60
CA ALA B 208 -1.64 -27.98 -6.47
C ALA B 208 -1.45 -28.30 -5.00
N PRO B 209 -1.22 -29.58 -4.67
CA PRO B 209 -0.97 -30.01 -3.30
C PRO B 209 0.23 -29.32 -2.68
N GLN B 210 0.33 -29.40 -1.36
CA GLN B 210 1.49 -28.89 -0.64
C GLN B 210 2.80 -29.45 -1.18
N VAL B 211 3.72 -28.57 -1.56
CA VAL B 211 5.01 -29.01 -2.05
C VAL B 211 5.82 -29.56 -0.87
N PRO B 212 6.41 -30.75 -1.05
CA PRO B 212 7.18 -31.38 0.03
C PRO B 212 8.51 -30.68 0.32
N ARG B 213 9.07 -30.98 1.48
CA ARG B 213 10.41 -30.51 1.82
C ARG B 213 11.45 -31.13 0.89
N ASP B 214 11.48 -32.45 0.86
CA ASP B 214 12.49 -33.18 0.09
C ASP B 214 12.06 -33.30 -1.37
N TYR B 215 13.04 -33.34 -2.26
CA TYR B 215 12.72 -33.36 -3.68
C TYR B 215 12.19 -34.72 -4.12
N ASP B 216 11.02 -34.69 -4.75
CA ASP B 216 10.39 -35.87 -5.31
C ASP B 216 9.86 -35.51 -6.68
N PRO B 217 10.46 -36.07 -7.74
CA PRO B 217 10.09 -35.73 -9.13
C PRO B 217 8.63 -36.06 -9.42
N ALA B 218 8.02 -36.95 -8.66
CA ALA B 218 6.62 -37.28 -8.88
C ALA B 218 5.73 -36.10 -8.56
N TYR B 219 6.13 -35.29 -7.57
CA TYR B 219 5.36 -34.08 -7.25
C TYR B 219 5.34 -33.12 -8.45
N SER B 220 6.50 -32.89 -9.07
CA SER B 220 6.55 -32.02 -10.25
C SER B 220 5.75 -32.58 -11.42
N ALA B 221 5.82 -33.89 -11.63
CA ALA B 221 5.10 -34.50 -12.74
C ALA B 221 3.60 -34.32 -12.55
N ALA B 222 3.15 -34.42 -11.29
CA ALA B 222 1.74 -34.26 -10.97
C ALA B 222 1.32 -32.80 -11.14
N PHE B 223 2.18 -31.88 -10.70
CA PHE B 223 1.96 -30.45 -10.88
C PHE B 223 1.77 -30.16 -12.37
N GLU B 224 2.67 -30.70 -13.18
CA GLU B 224 2.60 -30.53 -14.63
C GLU B 224 1.29 -31.05 -15.21
N ALA B 225 0.88 -32.24 -14.78
CA ALA B 225 -0.33 -32.86 -15.29
C ALA B 225 -1.57 -32.02 -14.98
N GLN B 226 -1.61 -31.47 -13.76
CA GLN B 226 -2.72 -30.65 -13.33
C GLN B 226 -2.68 -29.30 -14.09
N LEU B 227 -1.50 -28.72 -14.20
CA LEU B 227 -1.35 -27.47 -14.93
C LEU B 227 -1.78 -27.64 -16.38
N ALA B 228 -1.38 -28.75 -16.99
CA ALA B 228 -1.69 -29.00 -18.40
C ALA B 228 -3.18 -28.88 -18.71
N GLN B 229 -4.03 -29.44 -17.85
CA GLN B 229 -5.44 -29.44 -18.17
C GLN B 229 -6.05 -28.04 -18.00
N HIS B 230 -5.32 -27.15 -17.34
CA HIS B 230 -5.77 -25.77 -17.13
C HIS B 230 -5.00 -24.74 -17.94
N ALA B 231 -4.01 -25.17 -18.71
CA ALA B 231 -3.04 -24.24 -19.30
C ALA B 231 -3.74 -23.15 -20.11
N GLY B 232 -4.82 -23.52 -20.81
CA GLY B 232 -5.56 -22.57 -21.65
C GLY B 232 -6.29 -21.48 -20.88
N GLU B 233 -6.41 -21.63 -19.56
CA GLU B 233 -7.08 -20.61 -18.78
C GLU B 233 -6.18 -20.01 -17.70
N LEU B 234 -4.91 -20.41 -17.68
CA LEU B 234 -3.95 -19.90 -16.69
C LEU B 234 -3.11 -18.76 -17.23
N ALA B 235 -3.09 -17.63 -16.53
CA ALA B 235 -2.15 -16.56 -16.84
C ALA B 235 -0.78 -16.86 -16.28
N ALA B 236 -0.76 -17.42 -15.06
CA ALA B 236 0.50 -17.55 -14.34
C ALA B 236 0.45 -18.57 -13.22
N VAL B 237 1.62 -19.12 -12.93
CA VAL B 237 1.90 -19.79 -11.68
C VAL B 237 2.55 -18.78 -10.75
N VAL B 238 2.04 -18.67 -9.53
CA VAL B 238 2.61 -17.77 -8.55
CA VAL B 238 2.64 -17.78 -8.56
C VAL B 238 2.99 -18.54 -7.28
N VAL B 239 4.25 -18.46 -6.87
CA VAL B 239 4.70 -19.14 -5.65
C VAL B 239 5.74 -18.31 -4.88
N GLU B 240 5.91 -18.61 -3.60
CA GLU B 240 7.07 -18.17 -2.84
C GLU B 240 8.19 -19.18 -3.08
N PRO B 241 9.35 -18.72 -3.57
CA PRO B 241 10.44 -19.68 -3.85
C PRO B 241 11.20 -20.11 -2.59
N VAL B 242 11.40 -21.41 -2.45
CA VAL B 242 12.19 -22.06 -1.39
C VAL B 242 11.58 -22.00 0.03
N VAL B 243 11.16 -20.82 0.48
CA VAL B 243 10.57 -20.68 1.80
C VAL B 243 9.13 -20.13 1.70
N GLN B 244 8.18 -20.85 2.29
CA GLN B 244 6.82 -20.34 2.41
C GLN B 244 6.71 -19.74 3.79
N GLY B 245 6.38 -18.46 3.87
CA GLY B 245 6.48 -17.75 5.13
C GLY B 245 5.24 -17.83 5.99
N ALA B 246 4.31 -16.91 5.74
CA ALA B 246 3.15 -16.76 6.62
C ALA B 246 2.20 -17.96 6.58
N GLY B 247 2.37 -18.83 5.60
CA GLY B 247 1.53 -20.01 5.49
C GLY B 247 2.04 -21.18 6.30
N GLY B 248 3.17 -21.01 6.98
CA GLY B 248 3.68 -22.06 7.85
C GLY B 248 5.18 -22.27 7.96
N MET B 249 5.97 -21.30 7.49
CA MET B 249 7.43 -21.38 7.56
CA MET B 249 7.43 -21.39 7.58
C MET B 249 7.95 -22.73 7.07
N ARG B 250 7.48 -23.14 5.90
CA ARG B 250 7.88 -24.42 5.30
C ARG B 250 8.97 -24.20 4.29
N PHE B 251 9.94 -25.13 4.22
CA PHE B 251 11.01 -25.04 3.24
C PHE B 251 10.86 -26.15 2.22
N HIS B 252 11.19 -25.86 0.95
CA HIS B 252 11.20 -26.94 -0.05
C HIS B 252 12.46 -26.88 -0.89
N ASP B 253 12.84 -28.03 -1.44
CA ASP B 253 14.03 -28.13 -2.28
C ASP B 253 13.96 -27.19 -3.48
N PRO B 254 15.04 -26.44 -3.72
CA PRO B 254 15.08 -25.47 -4.81
C PRO B 254 14.87 -26.12 -6.17
N ARG B 255 15.15 -27.42 -6.30
CA ARG B 255 14.94 -28.10 -7.58
C ARG B 255 13.48 -28.02 -8.04
N TYR B 256 12.55 -27.88 -7.11
CA TYR B 256 11.16 -27.72 -7.51
C TYR B 256 10.97 -26.47 -8.34
N LEU B 257 11.75 -25.44 -8.04
CA LEU B 257 11.62 -24.17 -8.77
C LEU B 257 12.16 -24.33 -10.18
N HIS B 258 13.21 -25.13 -10.33
CA HIS B 258 13.72 -25.44 -11.65
C HIS B 258 12.65 -26.17 -12.47
N ASP B 259 11.94 -27.09 -11.82
CA ASP B 259 10.84 -27.78 -12.50
C ASP B 259 9.71 -26.83 -12.91
N LEU B 260 9.39 -25.87 -12.04
CA LEU B 260 8.31 -24.94 -12.37
C LEU B 260 8.69 -24.06 -13.55
N ARG B 261 9.96 -23.66 -13.62
CA ARG B 261 10.44 -22.83 -14.73
C ARG B 261 10.25 -23.58 -16.03
N ASP B 262 10.59 -24.86 -16.00
CA ASP B 262 10.49 -25.73 -17.17
C ASP B 262 9.03 -25.94 -17.60
N ILE B 263 8.18 -26.31 -16.65
CA ILE B 263 6.77 -26.52 -16.92
C ILE B 263 6.09 -25.25 -17.48
N CYS B 264 6.37 -24.11 -16.87
CA CYS B 264 5.78 -22.87 -17.33
C CYS B 264 6.24 -22.54 -18.75
N ARG B 265 7.53 -22.74 -19.00
CA ARG B 265 8.06 -22.49 -20.35
C ARG B 265 7.36 -23.37 -21.40
N ARG B 266 7.23 -24.67 -21.12
CA ARG B 266 6.67 -25.58 -22.11
C ARG B 266 5.17 -25.40 -22.34
N TYR B 267 4.44 -25.02 -21.29
CA TYR B 267 3.00 -24.87 -21.41
C TYR B 267 2.54 -23.44 -21.64
N GLU B 268 3.51 -22.54 -21.80
CA GLU B 268 3.22 -21.12 -22.04
C GLU B 268 2.33 -20.53 -20.94
N VAL B 269 2.80 -20.64 -19.71
CA VAL B 269 2.17 -19.99 -18.58
C VAL B 269 3.27 -19.16 -17.92
N LEU B 270 2.96 -17.93 -17.49
CA LEU B 270 4.00 -17.11 -16.87
C LEU B 270 4.36 -17.62 -15.48
N LEU B 271 5.60 -17.39 -15.05
CA LEU B 271 6.03 -17.77 -13.71
C LEU B 271 6.31 -16.53 -12.88
N ILE B 272 5.60 -16.41 -11.77
CA ILE B 272 5.77 -15.29 -10.85
C ILE B 272 6.38 -15.76 -9.54
N PHE B 273 7.52 -15.19 -9.16
CA PHE B 273 8.06 -15.47 -7.84
C PHE B 273 7.74 -14.32 -6.89
N ASP B 274 7.10 -14.65 -5.79
CA ASP B 274 6.85 -13.66 -4.74
C ASP B 274 8.00 -13.77 -3.74
N GLU B 275 8.96 -12.84 -3.83
CA GLU B 275 10.15 -12.83 -2.95
C GLU B 275 10.05 -11.73 -1.90
N ILE B 276 8.83 -11.33 -1.56
CA ILE B 276 8.66 -10.28 -0.58
C ILE B 276 9.23 -10.68 0.79
N ALA B 277 9.16 -11.98 1.15
CA ALA B 277 9.75 -12.45 2.42
C ALA B 277 11.17 -12.99 2.24
N THR B 278 11.45 -13.56 1.08
CA THR B 278 12.72 -14.26 0.86
C THR B 278 13.86 -13.40 0.32
N GLY B 279 13.55 -12.18 -0.09
CA GLY B 279 14.55 -11.31 -0.70
C GLY B 279 15.67 -10.81 0.20
N PHE B 280 16.70 -10.27 -0.46
CA PHE B 280 17.79 -9.55 0.19
C PHE B 280 18.51 -10.39 1.23
N GLY B 281 18.85 -11.62 0.83
CA GLY B 281 19.74 -12.48 1.58
C GLY B 281 19.16 -13.43 2.62
N ARG B 282 17.86 -13.32 2.86
CA ARG B 282 17.25 -13.95 4.02
C ARG B 282 17.40 -15.48 4.05
N THR B 283 17.38 -16.11 2.88
CA THR B 283 17.46 -17.58 2.81
C THR B 283 18.87 -18.08 2.55
N GLY B 284 19.85 -17.20 2.57
CA GLY B 284 21.23 -17.60 2.31
C GLY B 284 21.73 -17.27 0.92
N ALA B 285 20.80 -16.97 0.00
CA ALA B 285 21.16 -16.47 -1.32
C ALA B 285 20.59 -15.06 -1.43
N LEU B 286 21.06 -14.27 -2.38
CA LEU B 286 20.61 -12.89 -2.46
C LEU B 286 19.09 -12.86 -2.69
N PHE B 287 18.63 -13.68 -3.61
CA PHE B 287 17.20 -13.98 -3.75
C PHE B 287 17.04 -15.49 -3.77
N ALA B 288 15.93 -15.99 -3.22
CA ALA B 288 15.77 -17.44 -3.08
C ALA B 288 15.82 -18.16 -4.43
N ALA B 289 15.35 -17.50 -5.49
CA ALA B 289 15.43 -18.04 -6.85
C ALA B 289 16.87 -18.45 -7.21
N ASP B 290 17.85 -17.74 -6.65
CA ASP B 290 19.25 -18.02 -6.95
C ASP B 290 19.68 -19.40 -6.48
N HIS B 291 19.00 -19.95 -5.47
CA HIS B 291 19.29 -21.32 -5.04
C HIS B 291 19.04 -22.32 -6.17
N ALA B 292 18.10 -21.96 -7.04
CA ALA B 292 17.69 -22.85 -8.12
C ALA B 292 18.30 -22.44 -9.45
N GLY B 293 18.88 -21.25 -9.50
CA GLY B 293 19.49 -20.73 -10.72
C GLY B 293 18.47 -20.49 -11.81
N VAL B 294 17.30 -20.01 -11.40
CA VAL B 294 16.16 -19.83 -12.27
C VAL B 294 15.67 -18.38 -12.21
N SER B 295 15.17 -17.87 -13.33
CA SER B 295 14.55 -16.55 -13.38
C SER B 295 13.05 -16.65 -13.64
N PRO B 296 12.24 -15.97 -12.81
CA PRO B 296 10.81 -15.92 -13.14
C PRO B 296 10.58 -14.89 -14.24
N ASP B 297 9.35 -14.83 -14.76
CA ASP B 297 8.97 -13.80 -15.71
C ASP B 297 8.66 -12.51 -14.98
N ILE B 298 8.16 -12.66 -13.76
CA ILE B 298 7.73 -11.51 -12.95
C ILE B 298 8.13 -11.81 -11.52
N MET B 299 8.55 -10.78 -10.79
CA MET B 299 9.06 -10.98 -9.43
C MET B 299 8.61 -9.85 -8.51
N CYS B 300 8.15 -10.20 -7.30
CA CYS B 300 7.79 -9.18 -6.30
C CYS B 300 8.81 -9.12 -5.17
N VAL B 301 9.14 -7.91 -4.74
CA VAL B 301 9.99 -7.71 -3.56
C VAL B 301 9.36 -6.63 -2.67
N GLY B 302 9.74 -6.64 -1.39
CA GLY B 302 9.20 -5.69 -0.43
C GLY B 302 9.89 -5.93 0.89
N LYS B 303 9.16 -5.70 1.99
CA LYS B 303 9.64 -5.89 3.37
C LYS B 303 11.08 -5.38 3.58
N ALA B 304 12.07 -6.25 3.45
CA ALA B 304 13.46 -5.87 3.76
C ALA B 304 14.04 -4.90 2.72
N LEU B 305 13.32 -4.69 1.62
CA LEU B 305 13.73 -3.72 0.60
C LEU B 305 14.22 -2.39 1.19
N THR B 306 13.46 -1.81 2.12
CA THR B 306 13.81 -0.53 2.72
C THR B 306 14.59 -0.68 4.03
N GLY B 307 15.08 -1.86 4.33
CA GLY B 307 15.74 -2.07 5.62
C GLY B 307 14.77 -1.90 6.77
N GLY B 308 13.47 -1.95 6.46
CA GLY B 308 12.46 -1.87 7.48
C GLY B 308 12.18 -0.47 7.98
N TYR B 309 12.56 0.54 7.19
CA TYR B 309 12.31 1.92 7.59
C TYR B 309 10.92 2.43 7.19
N LEU B 310 10.51 2.07 5.98
CA LEU B 310 9.35 2.66 5.32
C LEU B 310 8.70 1.64 4.40
N SER B 311 7.41 1.79 4.14
CA SER B 311 6.72 0.90 3.22
C SER B 311 7.14 1.17 1.78
N LEU B 312 7.62 0.13 1.10
CA LEU B 312 7.95 0.20 -0.32
C LEU B 312 7.94 -1.21 -0.85
N ALA B 313 7.57 -1.36 -2.12
CA ALA B 313 7.66 -2.66 -2.76
C ALA B 313 7.91 -2.45 -4.24
N ALA B 314 8.23 -3.53 -4.94
CA ALA B 314 8.43 -3.43 -6.38
C ALA B 314 8.04 -4.69 -7.10
N THR B 315 7.61 -4.53 -8.34
CA THR B 315 7.28 -5.65 -9.20
C THR B 315 8.21 -5.54 -10.41
N LEU B 316 9.04 -6.56 -10.63
CA LEU B 316 9.96 -6.58 -11.77
C LEU B 316 9.46 -7.55 -12.81
N CYS B 317 9.74 -7.27 -14.08
CA CYS B 317 9.38 -8.21 -15.13
C CYS B 317 10.43 -8.19 -16.23
N THR B 318 10.36 -9.19 -17.10
CA THR B 318 11.25 -9.26 -18.24
C THR B 318 10.92 -8.24 -19.32
N ALA B 319 11.86 -8.02 -20.22
CA ALA B 319 11.60 -7.20 -21.39
C ALA B 319 10.42 -7.75 -22.21
N ASP B 320 10.37 -9.07 -22.37
CA ASP B 320 9.27 -9.70 -23.08
C ASP B 320 7.93 -9.32 -22.48
N VAL B 321 7.83 -9.38 -21.17
CA VAL B 321 6.56 -9.11 -20.53
C VAL B 321 6.20 -7.64 -20.72
N ALA B 322 7.16 -6.76 -20.45
CA ALA B 322 6.91 -5.32 -20.55
C ALA B 322 6.52 -4.93 -21.99
N HIS B 323 7.22 -5.48 -22.98
CA HIS B 323 6.94 -5.13 -24.36
C HIS B 323 5.62 -5.71 -24.87
N THR B 324 5.30 -6.94 -24.44
CA THR B 324 4.07 -7.57 -24.86
C THR B 324 2.85 -6.84 -24.30
N ILE B 325 2.96 -6.42 -23.05
CA ILE B 325 1.93 -5.58 -22.46
C ILE B 325 1.77 -4.29 -23.27
N SER B 326 2.90 -3.67 -23.63
CA SER B 326 2.82 -2.32 -24.22
C SER B 326 2.34 -2.37 -25.68
N ALA B 327 2.44 -3.53 -26.31
CA ALA B 327 2.09 -3.68 -27.72
C ALA B 327 0.66 -4.16 -27.89
N GLY B 328 0.03 -4.51 -26.77
CA GLY B 328 -1.36 -4.96 -26.78
C GLY B 328 -2.30 -3.79 -27.03
N ALA B 329 -3.51 -4.13 -27.48
CA ALA B 329 -4.54 -3.15 -27.76
C ALA B 329 -4.80 -2.27 -26.54
N ALA B 330 -4.76 -2.90 -25.37
CA ALA B 330 -4.91 -2.19 -24.10
C ALA B 330 -3.95 -1.02 -24.02
N GLY B 331 -2.69 -1.29 -24.37
CA GLY B 331 -1.67 -0.29 -24.29
C GLY B 331 -1.12 -0.19 -22.87
N ALA B 332 -1.48 0.89 -22.19
CA ALA B 332 -0.81 1.24 -20.95
C ALA B 332 -1.20 0.31 -19.80
N LEU B 333 -0.25 0.08 -18.90
CA LEU B 333 -0.54 -0.59 -17.63
C LEU B 333 -1.22 0.43 -16.73
N MET B 334 -2.51 0.28 -16.51
CA MET B 334 -3.27 1.31 -15.79
C MET B 334 -3.19 1.09 -14.28
N HIS B 335 -2.02 1.36 -13.74
CA HIS B 335 -1.78 1.28 -12.32
C HIS B 335 -0.87 2.44 -11.97
N GLY B 336 -1.08 3.05 -10.80
CA GLY B 336 -0.27 4.19 -10.41
C GLY B 336 -0.53 4.64 -9.00
N PRO B 337 0.15 4.02 -8.03
CA PRO B 337 -0.05 4.42 -6.62
C PRO B 337 0.36 5.88 -6.43
N THR B 338 -0.38 6.62 -5.62
CA THR B 338 -0.09 8.03 -5.42
C THR B 338 1.36 8.28 -5.05
N PHE B 339 1.90 7.46 -4.14
CA PHE B 339 3.27 7.71 -3.65
C PHE B 339 4.28 6.84 -4.37
N MET B 340 3.92 6.42 -5.58
CA MET B 340 4.81 5.61 -6.40
C MET B 340 6.24 6.16 -6.48
N ALA B 341 7.20 5.29 -6.23
CA ALA B 341 8.62 5.62 -6.27
C ALA B 341 9.00 6.77 -5.33
N ASN B 342 8.33 6.86 -4.19
CA ASN B 342 8.59 7.92 -3.19
C ASN B 342 10.09 8.12 -2.96
N PRO B 343 10.61 9.35 -3.18
CA PRO B 343 12.05 9.60 -2.98
C PRO B 343 12.62 9.18 -1.63
N LEU B 344 11.92 9.44 -0.53
CA LEU B 344 12.46 9.06 0.79
C LEU B 344 12.59 7.55 0.91
N ALA B 345 11.55 6.83 0.51
CA ALA B 345 11.56 5.37 0.59
C ALA B 345 12.64 4.79 -0.31
N CYS B 346 12.76 5.34 -1.53
CA CYS B 346 13.75 4.83 -2.46
C CYS B 346 15.16 5.12 -1.97
N ALA B 347 15.35 6.30 -1.37
CA ALA B 347 16.68 6.71 -0.90
C ALA B 347 17.19 5.81 0.22
N VAL B 348 16.34 5.50 1.19
CA VAL B 348 16.77 4.61 2.27
C VAL B 348 16.95 3.19 1.74
N SER B 349 16.18 2.79 0.72
CA SER B 349 16.33 1.44 0.16
CA SER B 349 16.32 1.46 0.13
C SER B 349 17.65 1.33 -0.58
N VAL B 350 18.04 2.38 -1.29
CA VAL B 350 19.31 2.37 -2.00
C VAL B 350 20.45 2.14 -1.00
N ALA B 351 20.41 2.87 0.10
CA ALA B 351 21.40 2.74 1.17
C ALA B 351 21.40 1.33 1.77
N SER B 352 20.20 0.79 2.03
CA SER B 352 20.08 -0.55 2.61
C SER B 352 20.63 -1.63 1.68
N VAL B 353 20.30 -1.52 0.40
CA VAL B 353 20.77 -2.49 -0.57
C VAL B 353 22.28 -2.38 -0.73
N GLU B 354 22.80 -1.15 -0.82
CA GLU B 354 24.25 -0.97 -0.96
C GLU B 354 25.02 -1.44 0.28
N LEU B 355 24.43 -1.23 1.46
CA LEU B 355 25.02 -1.69 2.72
C LEU B 355 25.10 -3.22 2.74
N LEU B 356 24.07 -3.88 2.24
CA LEU B 356 24.08 -5.33 2.14
C LEU B 356 25.12 -5.82 1.15
N LEU B 357 25.19 -5.19 -0.03
CA LEU B 357 26.10 -5.64 -1.08
C LEU B 357 27.56 -5.30 -0.75
N GLY B 358 27.76 -4.32 0.12
CA GLY B 358 29.10 -3.83 0.40
C GLY B 358 29.83 -4.67 1.43
N GLN B 359 29.14 -5.68 1.95
CA GLN B 359 29.70 -6.55 2.98
C GLN B 359 29.63 -8.00 2.53
N ASP B 360 30.30 -8.87 3.27
CA ASP B 360 30.21 -10.30 3.00
C ASP B 360 28.91 -10.85 3.59
N TRP B 361 27.79 -10.48 2.99
CA TRP B 361 26.49 -10.90 3.50
C TRP B 361 26.33 -12.43 3.51
N ARG B 362 26.94 -13.12 2.54
CA ARG B 362 26.74 -14.56 2.46
C ARG B 362 27.36 -15.29 3.66
N THR B 363 28.56 -14.88 4.06
CA THR B 363 29.16 -15.43 5.27
C THR B 363 28.35 -15.06 6.51
N ARG B 364 27.87 -13.81 6.56
CA ARG B 364 27.08 -13.36 7.70
C ARG B 364 25.85 -14.25 7.90
N ILE B 365 25.10 -14.49 6.83
CA ILE B 365 23.92 -15.37 6.89
C ILE B 365 24.28 -16.82 7.25
N THR B 366 25.39 -17.32 6.73
CA THR B 366 25.84 -18.67 7.06
C THR B 366 26.10 -18.78 8.55
N GLU B 367 26.75 -17.76 9.10
CA GLU B 367 27.04 -17.71 10.53
C GLU B 367 25.75 -17.65 11.34
N LEU B 368 24.80 -16.86 10.88
CA LEU B 368 23.51 -16.76 11.55
C LEU B 368 22.79 -18.11 11.51
N ALA B 369 22.83 -18.78 10.37
CA ALA B 369 22.16 -20.07 10.23
C ALA B 369 22.78 -21.10 11.17
N ALA B 370 24.11 -21.07 11.28
CA ALA B 370 24.82 -21.99 12.17
C ALA B 370 24.45 -21.74 13.63
N GLY B 371 24.39 -20.47 14.01
CA GLY B 371 23.99 -20.10 15.35
C GLY B 371 22.57 -20.53 15.67
N LEU B 372 21.67 -20.38 14.71
CA LEU B 372 20.28 -20.80 14.90
C LEU B 372 20.19 -22.31 15.06
N THR B 373 20.90 -23.04 14.19
CA THR B 373 20.91 -24.50 14.25
C THR B 373 21.42 -25.00 15.61
N ALA B 374 22.54 -24.44 16.05
CA ALA B 374 23.16 -24.84 17.31
C ALA B 374 22.26 -24.54 18.52
N GLY B 375 21.62 -23.38 18.51
CA GLY B 375 20.78 -22.97 19.63
C GLY B 375 19.40 -23.63 19.70
N LEU B 376 18.90 -24.10 18.56
CA LEU B 376 17.56 -24.69 18.51
C LEU B 376 17.60 -26.20 18.59
N ASP B 377 18.80 -26.77 18.53
CA ASP B 377 18.98 -28.22 18.54
C ASP B 377 18.30 -28.88 19.73
N THR B 378 18.46 -28.31 20.92
CA THR B 378 17.92 -28.95 22.12
C THR B 378 16.39 -29.02 22.10
N ALA B 379 15.74 -28.16 21.30
CA ALA B 379 14.28 -28.15 21.27
C ALA B 379 13.74 -29.45 20.68
N ARG B 380 14.57 -30.14 19.90
CA ARG B 380 14.16 -31.39 19.26
C ARG B 380 13.62 -32.41 20.24
N ALA B 381 14.16 -32.40 21.46
CA ALA B 381 13.81 -33.39 22.47
C ALA B 381 12.52 -33.04 23.21
N LEU B 382 12.07 -31.80 23.09
CA LEU B 382 10.89 -31.35 23.81
C LEU B 382 9.65 -32.10 23.34
N PRO B 383 8.74 -32.43 24.28
CA PRO B 383 7.59 -33.30 24.04
C PRO B 383 6.54 -32.75 23.06
N ALA B 384 6.42 -31.44 22.94
CA ALA B 384 5.40 -30.86 22.07
C ALA B 384 5.99 -30.41 20.73
N VAL B 385 7.25 -30.73 20.50
CA VAL B 385 7.95 -30.28 19.30
C VAL B 385 7.98 -31.37 18.23
N THR B 386 7.59 -31.01 17.01
CA THR B 386 7.48 -31.98 15.93
C THR B 386 8.58 -31.80 14.88
N ASP B 387 9.14 -30.60 14.82
CA ASP B 387 10.24 -30.33 13.89
C ASP B 387 11.01 -29.10 14.32
N VAL B 388 12.30 -29.11 14.00
CA VAL B 388 13.15 -27.95 14.13
C VAL B 388 13.82 -27.80 12.78
N ARG B 389 13.78 -26.60 12.20
CA ARG B 389 14.39 -26.40 10.89
C ARG B 389 14.93 -24.99 10.73
N VAL B 390 15.99 -24.87 9.94
CA VAL B 390 16.68 -23.61 9.74
C VAL B 390 17.00 -23.45 8.27
N CYS B 391 16.84 -22.24 7.75
CA CYS B 391 17.22 -21.94 6.38
C CYS B 391 17.73 -20.50 6.30
N GLY B 392 19.04 -20.35 6.10
CA GLY B 392 19.63 -19.02 6.17
C GLY B 392 19.31 -18.42 7.53
N ALA B 393 18.89 -17.16 7.55
CA ALA B 393 18.58 -16.47 8.79
C ALA B 393 17.12 -16.64 9.18
N ILE B 394 16.65 -17.88 9.12
CA ILE B 394 15.30 -18.26 9.51
C ILE B 394 15.38 -19.50 10.40
N GLY B 395 14.89 -19.39 11.63
CA GLY B 395 14.91 -20.55 12.52
C GLY B 395 13.51 -20.85 13.00
N VAL B 396 13.13 -22.13 12.96
CA VAL B 396 11.75 -22.53 13.25
C VAL B 396 11.66 -23.72 14.21
N ILE B 397 10.89 -23.57 15.28
CA ILE B 397 10.41 -24.70 16.06
C ILE B 397 8.93 -24.93 15.76
N GLU B 398 8.60 -26.07 15.19
CA GLU B 398 7.19 -26.41 14.94
C GLU B 398 6.67 -27.31 16.07
N CYS B 399 5.52 -26.92 16.62
CA CYS B 399 4.92 -27.63 17.75
C CYS B 399 3.68 -28.43 17.33
N ASP B 400 3.17 -29.25 18.24
CA ASP B 400 2.05 -30.13 17.95
C ASP B 400 0.71 -29.48 18.27
N ARG B 401 0.75 -28.22 18.68
CA ARG B 401 -0.47 -27.52 19.04
C ARG B 401 -0.28 -26.03 18.82
N PRO B 402 -1.38 -25.26 18.74
CA PRO B 402 -1.20 -23.80 18.60
C PRO B 402 -0.42 -23.22 19.76
N VAL B 403 0.37 -22.19 19.47
CA VAL B 403 1.18 -21.56 20.50
C VAL B 403 0.41 -20.40 21.13
N ASP B 404 0.17 -20.51 22.43
CA ASP B 404 -0.59 -19.48 23.15
C ASP B 404 0.26 -18.22 23.38
N LEU B 405 -0.08 -17.14 22.68
CA LEU B 405 0.64 -15.87 22.85
C LEU B 405 0.62 -15.35 24.29
N ALA B 406 -0.45 -15.61 25.00
CA ALA B 406 -0.57 -15.14 26.39
C ALA B 406 0.48 -15.80 27.28
N VAL B 407 0.98 -16.95 26.85
CA VAL B 407 2.06 -17.61 27.58
C VAL B 407 3.40 -17.31 26.93
N ALA B 408 3.44 -17.35 25.60
CA ALA B 408 4.67 -17.16 24.85
C ALA B 408 5.27 -15.76 25.01
N THR B 409 4.44 -14.74 24.82
CA THR B 409 4.94 -13.36 24.80
C THR B 409 5.63 -12.95 26.11
N PRO B 410 4.96 -13.10 27.27
CA PRO B 410 5.69 -12.66 28.47
C PRO B 410 6.89 -13.57 28.79
N ALA B 411 6.80 -14.85 28.45
CA ALA B 411 7.91 -15.76 28.69
C ALA B 411 9.16 -15.26 27.98
N ALA B 412 8.99 -14.87 26.72
CA ALA B 412 10.11 -14.39 25.93
C ALA B 412 10.59 -13.03 26.43
N LEU B 413 9.65 -12.17 26.81
CA LEU B 413 10.03 -10.85 27.31
C LEU B 413 10.87 -10.96 28.58
N ASP B 414 10.55 -11.93 29.42
CA ASP B 414 11.32 -12.19 30.63
C ASP B 414 12.78 -12.51 30.30
N ARG B 415 13.00 -13.09 29.12
CA ARG B 415 14.35 -13.48 28.72
CA ARG B 415 14.32 -13.51 28.67
C ARG B 415 14.99 -12.46 27.78
N GLY B 416 14.40 -11.27 27.72
CA GLY B 416 14.97 -10.18 26.94
C GLY B 416 14.78 -10.30 25.43
N VAL B 417 13.72 -10.99 25.01
CA VAL B 417 13.49 -11.23 23.58
C VAL B 417 12.05 -10.91 23.19
N TRP B 418 11.88 -10.17 22.10
CA TRP B 418 10.56 -10.00 21.49
C TRP B 418 10.31 -11.10 20.47
N LEU B 419 9.37 -12.00 20.77
CA LEU B 419 9.00 -13.09 19.87
C LEU B 419 7.51 -13.03 19.60
N ARG B 420 7.10 -13.30 18.35
CA ARG B 420 5.69 -13.44 18.06
C ARG B 420 5.45 -14.72 17.30
N PRO B 421 5.11 -15.78 18.03
CA PRO B 421 4.70 -17.03 17.39
C PRO B 421 3.42 -16.82 16.58
N PHE B 422 3.14 -17.74 15.66
CA PHE B 422 1.83 -17.79 15.05
C PHE B 422 1.51 -19.24 14.71
N ARG B 423 0.22 -19.57 14.63
CA ARG B 423 -0.20 -20.96 14.50
C ARG B 423 0.54 -21.84 15.52
N ASN B 424 1.18 -22.90 15.05
CA ASN B 424 1.94 -23.80 15.93
C ASN B 424 3.45 -23.58 15.84
N LEU B 425 3.84 -22.35 15.49
CA LEU B 425 5.24 -22.08 15.15
C LEU B 425 5.89 -21.08 16.09
N VAL B 426 7.03 -21.48 16.65
CA VAL B 426 7.88 -20.55 17.37
C VAL B 426 9.09 -20.32 16.46
N TYR B 427 9.24 -19.11 15.94
CA TYR B 427 10.26 -18.88 14.93
C TYR B 427 10.95 -17.53 15.06
N ALA B 428 12.10 -17.40 14.41
CA ALA B 428 12.80 -16.13 14.39
C ALA B 428 13.34 -15.81 13.02
N MET B 429 13.35 -14.53 12.69
CA MET B 429 14.01 -14.02 11.49
C MET B 429 14.82 -12.79 11.91
N PRO B 430 15.98 -13.02 12.55
CA PRO B 430 16.71 -11.95 13.25
C PRO B 430 17.42 -11.00 12.32
N PRO B 431 17.68 -9.76 12.78
CA PRO B 431 18.50 -8.84 12.00
C PRO B 431 19.86 -9.46 11.70
N TYR B 432 20.41 -9.17 10.53
CA TYR B 432 21.67 -9.75 10.10
C TYR B 432 22.84 -9.32 10.98
N ILE B 433 22.65 -8.23 11.72
CA ILE B 433 23.70 -7.66 12.56
C ILE B 433 23.79 -8.31 13.94
N CYS B 434 22.92 -9.28 14.21
CA CYS B 434 22.92 -9.96 15.50
C CYS B 434 24.24 -10.67 15.75
N THR B 435 24.81 -10.46 16.92
CA THR B 435 26.02 -11.16 17.34
C THR B 435 25.71 -12.61 17.72
N PRO B 436 26.75 -13.48 17.77
CA PRO B 436 26.54 -14.84 18.24
C PRO B 436 25.87 -14.89 19.63
N ALA B 437 26.26 -13.97 20.51
CA ALA B 437 25.66 -13.89 21.83
C ALA B 437 24.16 -13.58 21.72
N GLU B 438 23.82 -12.63 20.85
CA GLU B 438 22.42 -12.26 20.67
C GLU B 438 21.60 -13.42 20.09
N ILE B 439 22.19 -14.19 19.19
CA ILE B 439 21.52 -15.35 18.60
C ILE B 439 21.33 -16.45 19.64
N THR B 440 22.34 -16.64 20.48
CA THR B 440 22.20 -17.53 21.64
C THR B 440 21.01 -17.11 22.52
N GLN B 441 20.90 -15.80 22.77
CA GLN B 441 19.83 -15.31 23.62
C GLN B 441 18.45 -15.53 22.97
N ILE B 442 18.36 -15.25 21.68
CA ILE B 442 17.13 -15.48 20.93
C ILE B 442 16.72 -16.96 20.93
N THR B 443 17.64 -17.86 20.60
CA THR B 443 17.28 -19.28 20.49
C THR B 443 16.89 -19.85 21.85
N SER B 444 17.55 -19.38 22.90
CA SER B 444 17.23 -19.84 24.25
CA SER B 444 17.23 -19.86 24.25
C SER B 444 15.81 -19.47 24.64
N ALA B 445 15.38 -18.27 24.26
CA ALA B 445 14.01 -17.86 24.53
C ALA B 445 13.05 -18.75 23.75
N MET B 446 13.41 -19.05 22.50
CA MET B 446 12.57 -19.87 21.65
C MET B 446 12.40 -21.27 22.22
N VAL B 447 13.50 -21.85 22.68
CA VAL B 447 13.44 -23.18 23.30
C VAL B 447 12.52 -23.14 24.52
N GLU B 448 12.66 -22.09 25.33
CA GLU B 448 11.87 -21.97 26.53
C GLU B 448 10.38 -21.82 26.24
N VAL B 449 10.04 -21.09 25.18
CA VAL B 449 8.64 -20.97 24.79
C VAL B 449 8.10 -22.34 24.37
N ALA B 450 8.88 -23.09 23.61
CA ALA B 450 8.44 -24.40 23.17
C ALA B 450 8.27 -25.35 24.37
N ARG B 451 9.17 -25.24 25.34
CA ARG B 451 9.10 -26.05 26.55
CA ARG B 451 9.09 -26.06 26.54
C ARG B 451 7.79 -25.81 27.27
N LEU B 452 7.39 -24.54 27.37
CA LEU B 452 6.17 -24.14 28.06
C LEU B 452 4.91 -24.59 27.32
N VAL B 453 4.99 -24.63 25.99
CA VAL B 453 3.87 -25.12 25.19
C VAL B 453 3.51 -26.55 25.59
N GLY B 454 4.52 -27.36 25.87
CA GLY B 454 4.32 -28.76 26.21
C GLY B 454 4.03 -29.03 27.69
N SER B 455 3.50 -28.03 28.38
CA SER B 455 3.16 -28.19 29.79
C SER B 455 2.05 -27.22 30.21
N1 PLP C . -9.70 6.77 -3.82
C2 PLP C . -9.70 8.08 -4.21
C2A PLP C . -11.00 8.86 -4.23
C3 PLP C . -8.43 8.70 -4.61
O3 PLP C . -8.40 9.99 -5.01
C4 PLP C . -7.20 7.89 -4.55
C4A PLP C . -5.92 8.57 -4.91
C5 PLP C . -7.35 6.46 -4.13
C6 PLP C . -8.62 6.01 -3.79
C5A PLP C . -6.25 5.43 -4.04
O4P PLP C . -4.97 5.99 -3.91
P PLP C . -3.58 5.24 -4.14
O1P PLP C . -2.85 5.97 -3.07
O2P PLP C . -3.73 3.76 -3.85
O3P PLP C . -3.17 5.57 -5.54
CA KAP D . -4.63 10.65 -13.58
C KAP D . -3.32 11.17 -14.15
OI1 KAP D . -2.74 12.13 -13.59
OI2 KAP D . -2.87 10.60 -15.18
CB KAP D . -5.06 11.60 -12.47
CG KAP D . -5.83 10.86 -11.38
CD KAP D . -4.95 9.82 -10.69
CE KAP D . -4.58 10.20 -9.27
CZ KAP D . -4.62 8.95 -8.40
CH KAP D . -3.41 8.14 -8.03
CS KAP D . -2.21 8.50 -8.89
O KAP D . -5.67 8.57 -7.94
N KAP D . -3.74 6.69 -8.14
C1 PEG E . -20.05 22.09 -1.98
O1 PEG E . -20.01 23.21 -1.08
C2 PEG E . -20.10 22.60 -3.41
O2 PEG E . -20.52 21.60 -4.37
C3 PEG E . -21.77 22.04 -4.94
C4 PEG E . -22.09 21.56 -6.34
O4 PEG E . -23.36 22.12 -6.69
C1 EDO F . -10.73 -9.87 -9.83
O1 EDO F . -10.00 -10.93 -10.48
C2 EDO F . -12.16 -10.28 -9.52
O2 EDO F . -12.21 -11.35 -8.56
C1 EDO G . 11.72 15.91 -21.57
O1 EDO G . 10.36 15.87 -21.06
C2 EDO G . 12.69 16.37 -20.47
O2 EDO G . 13.17 15.24 -19.73
N1 PLP H . 3.80 -11.88 -0.05
C2 PLP H . 4.67 -12.48 0.82
C2A PLP H . 5.38 -13.77 0.49
C3 PLP H . 4.94 -11.85 2.12
O3 PLP H . 5.81 -12.42 3.02
C4 PLP H . 4.26 -10.60 2.43
C4A PLP H . 4.59 -9.97 3.74
C5 PLP H . 3.34 -10.04 1.40
C6 PLP H . 3.15 -10.74 0.22
C5A PLP H . 2.50 -8.78 1.57
O4P PLP H . 3.12 -7.75 2.25
P PLP H . 2.26 -6.59 2.94
O1P PLP H . 1.78 -7.10 4.25
O2P PLP H . 1.15 -6.22 1.99
O3P PLP H . 3.34 -5.57 3.02
CA KAP I . 1.25 -13.76 11.20
C KAP I . 1.33 -13.18 12.59
OI1 KAP I . 2.45 -12.80 13.03
OI2 KAP I . 0.27 -13.11 13.25
CB KAP I . 2.66 -13.89 10.62
CG KAP I . 2.72 -13.35 9.19
CD KAP I . 2.96 -11.85 9.24
CE KAP I . 3.77 -11.36 8.06
CZ KAP I . 2.84 -10.73 7.05
CH KAP I . 1.90 -9.65 7.43
CS KAP I . 1.22 -9.22 6.16
O KAP I . 2.85 -11.10 5.89
N KAP I . 2.64 -8.51 7.99
C1 PEG J . 19.13 -24.28 0.36
O1 PEG J . 19.50 -25.20 -0.67
C2 PEG J . 17.61 -24.23 0.47
O2 PEG J . 17.12 -25.41 1.11
C3 PEG J . 15.70 -25.36 1.32
C4 PEG J . 15.21 -26.64 1.98
O4 PEG J . 15.74 -27.80 1.30
C1 EDO K . -15.67 -9.89 -3.93
O1 EDO K . -16.21 -8.67 -3.40
C2 EDO K . -14.16 -9.91 -3.77
O2 EDO K . -13.56 -10.77 -4.76
#